data_7S8N
#
_entry.id   7S8N
#
_cell.length_a   1.00
_cell.length_b   1.00
_cell.length_c   1.00
_cell.angle_alpha   90.00
_cell.angle_beta   90.00
_cell.angle_gamma   90.00
#
_symmetry.space_group_name_H-M   'P 1'
#
loop_
_entity.id
_entity.type
_entity.pdbx_description
1 polymer 'Gs-mini-Gq chimera'
2 polymer 'Guanine nucleotide-binding protein G(I)/G(S)/G(T) subunit beta-1'
3 polymer 'Guanine nucleotide-binding protein G(I)/G(S)/G(O) subunit gamma-2'
4 polymer 'Mas-related G-protein coupled receptor member X2'
5 polymer scFv16
6 non-polymer (3R)-N,N-dimethyl-1-[(8S)-5-phenylpyrazolo[1,5-a]pyrimidin-7-yl]pyrrolidin-3-amine
#
loop_
_entity_poly.entity_id
_entity_poly.type
_entity_poly.pdbx_seq_one_letter_code
_entity_poly.pdbx_strand_id
1 'polypeptide(L)'
;MGSTVSAEDKAAAERSKMIDKNLREDGEKARRTLRLLLLGADNSGKSTIVKQMRILHGGSGGSGGTSGIFETKFQVDKVN
FHMFDVGGQRDERRKWIQCFNDVTAIIFVVDSSDYNRLQEALNDFKSIWNNRWLRTISVILFLNKQDLLAEKVLAGKSKI
EDYFPEFARYTTPEDATPEPGEDPRVTRAKYFIRKEFVDISTASGDGRHICYPHFTCAVDTENARRIFNDCKDIILQMNL
REYNLV
;
B
2 'polypeptide(L)'
;GPGSSGSELDQLRQEAEQLKNQIRDARKACADATLSQITNNIDPVGRIQMRTRRTLRGHLAKIYAMHWGTDSRLLVSASQ
DGKLIIWDSYTTNKVHAIPLRSSWVMTCAYAPSGNYVACGGLDNICSIYNLKTREGNVRVSRELAGHTGYLSCCRFLDDN
QIVTSSGDTTCALWDIETGQQTTTFTGHTGDVMSLSLAPDTRLFVSGACDASAKLWDVREGMCRQTFTGHESDINAICFF
PNGNAFATGSDDATCRLFDLRADQELMTYSHDNIICGITSVSFSKSGRLLLAGYDDFNCNVWDALKADRAGVLAGHDNRV
SCLGVTDDGMAVATGSWDSFLKIWN
;
C
3 'polypeptide(L)' MASNNTASIAQARKLVEQLKMEANIDRIKVSKAAADLMAYCEAHAKEDPLLTPVPASENPFREKKFFCAIL D
4 'polypeptide(L)'
;GPDPTTPAWGTESTTVNGNDQALLLLCGKETLIPVFLILFIALVGLVGNGFVLWLLGFRMRRNAFSVYVLSLAGADFLFL
CFQIINCLVYLSNFFCSISINFPSFFTTVMTCAYLAGLSMLSTVSTERCLSVLWPIWYRCRRPRHLSAVVCVLLWALSLL
LSILEGKFCGFLFSDGDSGWCQTFDFITAAWLIFLFMVLCGSSLALLVRILCGSRGLPLTRLYLTILLTVLVFLLCGLPF
GIQWFLILWIWKDSDVLFCHIHPVSVVLSSLNSSANPIIYFFVGSFRKQWRLQQPILKLALQRALQDIAEVDHSEGCFRQ
GTPEMSRSSLV
;
R
5 'polypeptide(L)'
;DVQLVESGGGLVQPGGSRKLSCSASGFAFSSFGMHWVRQAPEKGLEWVAYISSGSGTIYYADTVKGRFTISRDDPKNTLF
LQMTSLRSEDTAMYYCVRSIYYYGSSPFDFWGQGTTLTVSSGGGGSGGGGSGGGGSDIVMTQATSSVPVTPGESVSISCR
SSKSLLHSNGNTYLYWFLQRPGQSPQLLIYRMSNLASGVPDRFSGSGSGTAFTLTISRLEAEDVGVYYCMQHLEYPLTFG
AGTKLELKAAALEVLFQ
;
E
#
loop_
_chem_comp.id
_chem_comp.type
_chem_comp.name
_chem_comp.formula
8IU non-polymer (3R)-N,N-dimethyl-1-[(8S)-5-phenylpyrazolo[1,5-a]pyrimidin-7-yl]pyrrolidin-3-amine 'C18 H21 N5'
#
# COMPACT_ATOMS: atom_id res chain seq x y z
N VAL A 5 25.25 7.45 9.17
CA VAL A 5 24.08 7.31 10.02
C VAL A 5 24.48 7.43 11.49
N SER A 6 23.81 8.32 12.21
CA SER A 6 24.08 8.53 13.62
C SER A 6 23.48 7.41 14.45
N ALA A 7 23.68 7.46 15.77
CA ALA A 7 23.14 6.41 16.63
C ALA A 7 21.62 6.41 16.61
N GLU A 8 21.01 7.58 16.75
CA GLU A 8 19.57 7.66 16.82
C GLU A 8 18.92 7.25 15.49
N ASP A 9 19.57 7.55 14.37
CA ASP A 9 19.04 7.14 13.08
C ASP A 9 19.03 5.62 12.92
N LYS A 10 20.08 4.95 13.41
CA LYS A 10 20.10 3.49 13.39
C LYS A 10 18.98 2.92 14.25
N ALA A 11 18.76 3.51 15.43
CA ALA A 11 17.67 3.03 16.28
C ALA A 11 16.32 3.19 15.57
N ALA A 12 16.14 4.31 14.87
CA ALA A 12 14.91 4.52 14.12
C ALA A 12 14.72 3.46 13.05
N ALA A 13 15.80 3.10 12.35
CA ALA A 13 15.71 2.07 11.33
C ALA A 13 15.30 0.73 11.93
N GLU A 14 15.82 0.40 13.10
CA GLU A 14 15.45 -0.87 13.74
C GLU A 14 13.95 -0.90 14.10
N ARG A 15 13.44 0.21 14.61
CA ARG A 15 12.02 0.31 14.92
C ARG A 15 11.17 0.11 13.66
N SER A 16 11.57 0.73 12.55
CA SER A 16 10.84 0.56 11.30
C SER A 16 10.82 -0.89 10.85
N LYS A 17 11.94 -1.60 11.01
CA LYS A 17 11.98 -3.01 10.62
C LYS A 17 10.99 -3.84 11.41
N MET A 18 10.90 -3.61 12.72
CA MET A 18 9.92 -4.37 13.50
C MET A 18 8.48 -4.06 13.06
N ILE A 19 8.19 -2.81 12.73
CA ILE A 19 6.85 -2.49 12.23
C ILE A 19 6.53 -3.30 10.98
N ASP A 20 7.49 -3.40 10.06
CA ASP A 20 7.27 -4.21 8.86
C ASP A 20 6.96 -5.67 9.20
N LYS A 21 7.68 -6.21 10.19
CA LYS A 21 7.46 -7.61 10.55
C LYS A 21 6.02 -7.85 11.00
N ASN A 22 5.51 -6.99 11.88
CA ASN A 22 4.13 -7.18 12.31
C ASN A 22 3.14 -7.01 11.15
N LEU A 23 3.41 -6.06 10.26
CA LEU A 23 2.51 -5.88 9.12
C LEU A 23 2.40 -7.15 8.28
N ARG A 24 3.53 -7.79 8.00
CA ARG A 24 3.50 -9.02 7.22
C ARG A 24 2.76 -10.14 7.93
N GLU A 25 2.95 -10.27 9.24
CA GLU A 25 2.23 -11.31 9.97
C GLU A 25 0.72 -11.10 9.88
N ASP A 26 0.26 -9.86 10.05
CA ASP A 26 -1.18 -9.59 9.96
C ASP A 26 -1.71 -9.89 8.56
N GLY A 27 -0.95 -9.53 7.53
CA GLY A 27 -1.42 -9.79 6.17
C GLY A 27 -1.55 -11.28 5.88
N GLU A 28 -0.56 -12.07 6.30
CA GLU A 28 -0.67 -13.51 6.08
C GLU A 28 -1.86 -14.10 6.81
N LYS A 29 -2.16 -13.59 8.01
CA LYS A 29 -3.37 -14.05 8.68
C LYS A 29 -4.62 -13.69 7.88
N ALA A 30 -4.65 -12.49 7.31
CA ALA A 30 -5.85 -12.04 6.59
C ALA A 30 -6.03 -12.72 5.24
N ARG A 31 -4.99 -13.35 4.71
CA ARG A 31 -5.13 -13.98 3.39
C ARG A 31 -6.07 -15.18 3.41
N ARG A 32 -6.26 -15.82 4.55
CA ARG A 32 -7.05 -17.04 4.58
C ARG A 32 -8.54 -16.78 4.40
N THR A 33 -9.06 -15.70 4.96
CA THR A 33 -10.50 -15.50 5.01
C THR A 33 -11.05 -15.02 3.66
N LEU A 34 -12.31 -15.35 3.41
CA LEU A 34 -13.00 -15.01 2.16
C LEU A 34 -14.15 -14.06 2.46
N ARG A 35 -14.35 -13.07 1.59
CA ARG A 35 -15.28 -11.97 1.84
C ARG A 35 -16.46 -11.99 0.87
N LEU A 36 -17.65 -11.68 1.38
CA LEU A 36 -18.87 -11.67 0.61
C LEU A 36 -19.72 -10.45 0.95
N LEU A 37 -20.47 -9.97 -0.04
CA LEU A 37 -21.36 -8.82 0.08
C LEU A 37 -22.79 -9.24 -0.18
N LEU A 38 -23.70 -8.87 0.71
CA LEU A 38 -25.08 -9.32 0.68
C LEU A 38 -25.99 -8.18 0.26
N LEU A 39 -26.54 -8.25 -0.95
CA LEU A 39 -27.48 -7.28 -1.46
C LEU A 39 -28.88 -7.88 -1.46
N GLY A 40 -29.85 -7.02 -1.66
CA GLY A 40 -31.24 -7.43 -1.60
C GLY A 40 -32.13 -6.25 -1.29
N ALA A 41 -33.41 -6.56 -1.10
CA ALA A 41 -34.41 -5.55 -0.84
C ALA A 41 -35.10 -5.87 0.47
N ASP A 42 -36.05 -5.01 0.85
CA ASP A 42 -36.93 -5.38 1.95
C ASP A 42 -37.83 -6.52 1.51
N ASN A 43 -38.45 -7.17 2.48
CA ASN A 43 -39.26 -8.38 2.28
C ASN A 43 -38.55 -9.44 1.44
N SER A 44 -37.23 -9.42 1.41
CA SER A 44 -36.48 -10.44 0.71
C SER A 44 -36.07 -11.61 1.59
N GLY A 45 -36.31 -11.54 2.90
CA GLY A 45 -35.85 -12.60 3.78
C GLY A 45 -34.35 -12.70 3.83
N LYS A 46 -33.66 -11.58 3.73
CA LYS A 46 -32.22 -11.56 3.52
C LYS A 46 -31.47 -11.93 4.79
N SER A 47 -32.00 -11.61 5.95
CA SER A 47 -31.32 -11.77 7.22
C SER A 47 -31.46 -13.17 7.81
N THR A 48 -32.17 -14.07 7.16
CA THR A 48 -32.37 -15.42 7.66
C THR A 48 -31.95 -16.44 6.62
N ILE A 49 -30.77 -16.28 6.04
CA ILE A 49 -30.29 -17.26 5.08
C ILE A 49 -29.34 -18.27 5.74
N VAL A 50 -28.22 -17.80 6.28
CA VAL A 50 -27.21 -18.71 6.85
C VAL A 50 -27.57 -18.89 8.33
N LYS A 51 -28.63 -19.65 8.55
CA LYS A 51 -29.19 -19.85 9.88
C LYS A 51 -28.20 -20.58 10.77
N GLY A 68 -24.52 0.97 10.24
CA GLY A 68 -23.54 1.06 9.17
C GLY A 68 -23.31 -0.27 8.46
N ILE A 69 -22.51 -1.12 9.07
CA ILE A 69 -22.23 -2.45 8.55
C ILE A 69 -22.62 -3.46 9.63
N PHE A 70 -23.41 -4.44 9.25
CA PHE A 70 -23.67 -5.59 10.10
C PHE A 70 -22.88 -6.78 9.57
N GLU A 71 -21.84 -7.18 10.28
CA GLU A 71 -20.95 -8.25 9.88
C GLU A 71 -21.48 -9.59 10.38
N THR A 72 -20.87 -10.67 9.88
CA THR A 72 -21.26 -12.02 10.23
C THR A 72 -20.14 -12.98 9.80
N LYS A 73 -19.82 -13.94 10.65
CA LYS A 73 -18.75 -14.89 10.39
C LYS A 73 -19.27 -16.31 10.53
N PHE A 74 -18.75 -17.21 9.69
CA PHE A 74 -19.05 -18.64 9.80
C PHE A 74 -18.01 -19.41 9.01
N GLN A 75 -17.88 -20.70 9.30
CA GLN A 75 -16.93 -21.53 8.58
C GLN A 75 -17.57 -22.87 8.20
N VAL A 76 -17.17 -23.38 7.03
CA VAL A 76 -17.57 -24.69 6.56
C VAL A 76 -16.34 -25.41 6.03
N ASP A 77 -16.15 -26.66 6.45
CA ASP A 77 -15.02 -27.49 6.05
C ASP A 77 -13.69 -26.78 6.26
N LYS A 78 -13.55 -26.13 7.41
CA LYS A 78 -12.29 -25.53 7.83
C LYS A 78 -11.85 -24.38 6.93
N VAL A 79 -12.80 -23.60 6.45
CA VAL A 79 -12.52 -22.39 5.66
C VAL A 79 -13.40 -21.27 6.19
N ASN A 80 -12.82 -20.10 6.42
CA ASN A 80 -13.50 -18.98 7.05
C ASN A 80 -14.19 -18.08 6.02
N PHE A 81 -15.31 -17.49 6.44
CA PHE A 81 -16.10 -16.60 5.59
C PHE A 81 -16.47 -15.34 6.37
N HIS A 82 -16.76 -14.26 5.65
CA HIS A 82 -17.00 -12.97 6.27
C HIS A 82 -18.01 -12.20 5.41
N MET A 83 -19.18 -11.93 5.96
CA MET A 83 -20.31 -11.46 5.17
C MET A 83 -20.77 -10.09 5.66
N PHE A 84 -20.99 -9.16 4.72
CA PHE A 84 -21.30 -7.77 5.01
C PHE A 84 -22.64 -7.37 4.40
N ASP A 85 -23.38 -6.53 5.12
CA ASP A 85 -24.51 -5.82 4.50
C ASP A 85 -24.51 -4.38 4.97
N VAL A 86 -24.99 -3.49 4.11
CA VAL A 86 -24.93 -2.05 4.34
C VAL A 86 -26.35 -1.51 4.42
N GLY A 87 -26.67 -0.90 5.55
CA GLY A 87 -27.98 -0.30 5.73
C GLY A 87 -27.92 0.86 6.71
N ARG A 93 -26.60 4.02 -4.38
CA ARG A 93 -25.45 3.18 -4.09
C ARG A 93 -24.46 3.27 -5.21
N ARG A 94 -24.63 4.25 -6.07
CA ARG A 94 -23.71 4.40 -7.18
C ARG A 94 -22.31 4.77 -6.73
N LYS A 95 -22.13 5.14 -5.46
CA LYS A 95 -20.85 5.67 -5.01
C LYS A 95 -20.04 4.68 -4.18
N TRP A 96 -20.59 4.15 -3.10
CA TRP A 96 -19.80 3.29 -2.25
C TRP A 96 -19.62 1.89 -2.79
N ILE A 97 -20.19 1.59 -3.96
CA ILE A 97 -20.08 0.24 -4.51
C ILE A 97 -18.69 -0.03 -5.03
N GLN A 98 -17.86 1.01 -5.17
CA GLN A 98 -16.50 0.84 -5.67
C GLN A 98 -15.60 0.21 -4.63
N CYS A 99 -15.90 0.40 -3.35
CA CYS A 99 -15.09 -0.21 -2.31
C CYS A 99 -15.08 -1.72 -2.43
N PHE A 100 -16.24 -2.31 -2.71
CA PHE A 100 -16.39 -3.75 -2.84
C PHE A 100 -16.04 -4.17 -4.26
N ASN A 101 -14.76 -4.04 -4.57
CA ASN A 101 -14.24 -4.34 -5.89
C ASN A 101 -13.38 -5.60 -5.91
N ASP A 102 -12.96 -6.07 -4.74
CA ASP A 102 -12.08 -7.22 -4.63
C ASP A 102 -12.68 -8.33 -3.76
N VAL A 103 -14.00 -8.40 -3.67
CA VAL A 103 -14.63 -9.48 -2.92
C VAL A 103 -14.75 -10.72 -3.79
N THR A 104 -14.97 -11.85 -3.14
CA THR A 104 -15.09 -13.12 -3.85
C THR A 104 -16.41 -13.25 -4.58
N ALA A 105 -17.51 -12.83 -3.98
CA ALA A 105 -18.82 -13.01 -4.61
C ALA A 105 -19.77 -11.95 -4.10
N ILE A 106 -20.92 -11.84 -4.77
CA ILE A 106 -22.06 -11.06 -4.33
C ILE A 106 -23.24 -11.99 -4.20
N ILE A 107 -23.96 -11.89 -3.09
CA ILE A 107 -25.11 -12.74 -2.80
C ILE A 107 -26.36 -11.90 -2.98
N PHE A 108 -27.15 -12.23 -3.99
CA PHE A 108 -28.36 -11.49 -4.34
C PHE A 108 -29.58 -12.31 -3.97
N VAL A 109 -30.55 -11.67 -3.31
CA VAL A 109 -31.70 -12.36 -2.76
C VAL A 109 -32.98 -11.71 -3.28
N VAL A 110 -33.95 -12.54 -3.66
CA VAL A 110 -35.17 -12.09 -4.31
C VAL A 110 -36.35 -12.85 -3.70
N ASP A 111 -37.45 -12.15 -3.46
CA ASP A 111 -38.69 -12.84 -3.13
C ASP A 111 -39.39 -13.20 -4.43
N SER A 112 -39.74 -14.47 -4.57
CA SER A 112 -40.36 -15.00 -5.78
C SER A 112 -41.84 -15.31 -5.55
N SER A 113 -42.52 -14.46 -4.79
CA SER A 113 -43.96 -14.58 -4.62
C SER A 113 -44.71 -13.28 -4.84
N ASP A 114 -44.08 -12.13 -4.71
CA ASP A 114 -44.74 -10.84 -4.92
C ASP A 114 -44.57 -10.46 -6.38
N TYR A 115 -45.53 -10.86 -7.20
CA TYR A 115 -45.39 -10.63 -8.64
C TYR A 115 -45.40 -9.16 -8.98
N ASN A 116 -46.08 -8.33 -8.17
CA ASN A 116 -46.09 -6.91 -8.44
C ASN A 116 -44.71 -6.29 -8.39
N ARG A 117 -43.77 -6.92 -7.69
CA ARG A 117 -42.46 -6.33 -7.48
C ARG A 117 -41.34 -7.19 -8.06
N LEU A 118 -41.63 -8.01 -9.07
CA LEU A 118 -40.55 -8.72 -9.74
C LEU A 118 -39.78 -7.81 -10.70
N GLN A 119 -40.47 -6.90 -11.37
CA GLN A 119 -39.78 -6.07 -12.36
C GLN A 119 -38.77 -5.13 -11.71
N GLU A 120 -39.07 -4.65 -10.50
CA GLU A 120 -38.08 -3.90 -9.74
C GLU A 120 -36.84 -4.75 -9.48
N ALA A 121 -37.03 -6.01 -9.08
CA ALA A 121 -35.89 -6.89 -8.80
C ALA A 121 -35.07 -7.13 -10.07
N LEU A 122 -35.74 -7.33 -11.20
CA LEU A 122 -35.02 -7.58 -12.44
C LEU A 122 -34.22 -6.37 -12.87
N ASN A 123 -34.80 -5.17 -12.74
CA ASN A 123 -34.07 -3.96 -13.07
C ASN A 123 -32.89 -3.75 -12.14
N ASP A 124 -33.08 -4.02 -10.84
CA ASP A 124 -31.99 -3.88 -9.88
C ASP A 124 -30.86 -4.84 -10.20
N PHE A 125 -31.18 -6.08 -10.54
CA PHE A 125 -30.18 -7.05 -10.93
C PHE A 125 -29.44 -6.61 -12.18
N LYS A 126 -30.15 -6.05 -13.16
CA LYS A 126 -29.48 -5.56 -14.35
C LYS A 126 -28.50 -4.44 -14.02
N SER A 127 -28.90 -3.54 -13.13
CA SER A 127 -28.00 -2.44 -12.76
C SER A 127 -26.76 -2.95 -12.07
N ILE A 128 -26.91 -3.93 -11.17
CA ILE A 128 -25.75 -4.43 -10.43
C ILE A 128 -24.91 -5.38 -11.26
N TRP A 129 -25.41 -5.84 -12.40
CA TRP A 129 -24.67 -6.74 -13.28
C TRP A 129 -23.77 -6.01 -14.27
N ASN A 130 -24.15 -4.80 -14.67
CA ASN A 130 -23.44 -4.06 -15.70
C ASN A 130 -22.59 -2.92 -15.14
N ASN A 131 -22.30 -2.93 -13.86
CA ASN A 131 -21.55 -1.83 -13.26
C ASN A 131 -20.11 -1.83 -13.74
N ARG A 132 -19.52 -0.65 -13.76
CA ARG A 132 -18.17 -0.50 -14.29
C ARG A 132 -17.13 -1.18 -13.43
N TRP A 133 -17.28 -1.08 -12.11
CA TRP A 133 -16.28 -1.56 -11.17
C TRP A 133 -16.46 -3.03 -10.80
N LEU A 134 -17.49 -3.66 -11.33
CA LEU A 134 -17.87 -5.02 -10.97
C LEU A 134 -17.91 -5.90 -12.20
N ARG A 135 -16.89 -5.80 -13.06
CA ARG A 135 -16.86 -6.52 -14.32
C ARG A 135 -16.22 -7.89 -14.22
N THR A 136 -15.73 -8.27 -13.04
CA THR A 136 -15.14 -9.59 -12.85
C THR A 136 -15.59 -10.24 -11.55
N ILE A 137 -16.73 -9.85 -11.00
CA ILE A 137 -17.25 -10.41 -9.77
C ILE A 137 -18.51 -11.20 -10.06
N SER A 138 -18.56 -12.44 -9.57
CA SER A 138 -19.67 -13.34 -9.84
C SER A 138 -20.80 -13.14 -8.83
N VAL A 139 -21.95 -13.72 -9.13
CA VAL A 139 -23.17 -13.50 -8.38
C VAL A 139 -23.80 -14.85 -8.06
N ILE A 140 -24.22 -15.04 -6.83
CA ILE A 140 -24.94 -16.22 -6.40
C ILE A 140 -26.37 -15.77 -6.11
N LEU A 141 -27.31 -16.23 -6.92
CA LEU A 141 -28.72 -15.90 -6.73
C LEU A 141 -29.37 -16.81 -5.71
N PHE A 142 -30.38 -16.30 -5.04
CA PHE A 142 -31.17 -17.08 -4.09
C PHE A 142 -32.61 -16.64 -4.27
N LEU A 143 -33.38 -17.45 -4.98
CA LEU A 143 -34.80 -17.18 -5.17
C LEU A 143 -35.53 -17.75 -3.95
N ASN A 144 -35.91 -16.88 -3.04
CA ASN A 144 -36.34 -17.25 -1.71
C ASN A 144 -37.86 -17.33 -1.64
N LYS A 145 -38.35 -17.98 -0.58
CA LYS A 145 -39.78 -18.15 -0.31
C LYS A 145 -40.47 -18.91 -1.45
N GLN A 146 -40.15 -20.19 -1.56
CA GLN A 146 -40.77 -20.99 -2.61
C GLN A 146 -42.02 -21.74 -2.14
N ASP A 147 -42.21 -21.93 -0.84
CA ASP A 147 -43.43 -22.55 -0.37
C ASP A 147 -44.64 -21.65 -0.58
N LEU A 148 -44.49 -20.35 -0.34
CA LEU A 148 -45.56 -19.42 -0.62
C LEU A 148 -45.88 -19.38 -2.11
N LEU A 149 -44.86 -19.50 -2.94
CA LEU A 149 -45.09 -19.59 -4.38
C LEU A 149 -45.89 -20.83 -4.74
N ALA A 150 -45.58 -21.96 -4.12
CA ALA A 150 -46.36 -23.16 -4.38
C ALA A 150 -47.81 -22.97 -3.99
N GLU A 151 -48.06 -22.38 -2.82
CA GLU A 151 -49.43 -22.15 -2.39
C GLU A 151 -50.17 -21.21 -3.34
N LYS A 152 -49.52 -20.13 -3.76
CA LYS A 152 -50.19 -19.16 -4.62
C LYS A 152 -50.40 -19.68 -6.04
N VAL A 153 -49.59 -20.64 -6.49
CA VAL A 153 -49.80 -21.18 -7.82
C VAL A 153 -50.77 -22.36 -7.82
N LEU A 154 -50.91 -23.06 -6.70
CA LEU A 154 -51.99 -24.03 -6.57
C LEU A 154 -53.31 -23.42 -6.16
N ALA A 155 -53.32 -22.17 -5.70
CA ALA A 155 -54.59 -21.54 -5.29
C ALA A 155 -55.44 -21.18 -6.49
N GLY A 156 -54.84 -20.64 -7.55
CA GLY A 156 -55.55 -20.25 -8.73
C GLY A 156 -56.17 -18.88 -8.71
N LYS A 157 -56.05 -18.13 -7.62
CA LYS A 157 -56.66 -16.82 -7.50
C LYS A 157 -55.76 -15.70 -8.01
N SER A 158 -54.57 -16.01 -8.51
CA SER A 158 -53.71 -14.99 -9.09
C SER A 158 -52.99 -15.59 -10.30
N LYS A 159 -52.87 -14.79 -11.36
CA LYS A 159 -52.35 -15.28 -12.63
C LYS A 159 -51.00 -14.64 -12.93
N ILE A 160 -50.01 -15.47 -13.24
CA ILE A 160 -48.68 -14.96 -13.53
C ILE A 160 -48.66 -14.20 -14.85
N GLU A 161 -49.55 -14.55 -15.78
CA GLU A 161 -49.53 -14.00 -17.12
C GLU A 161 -50.18 -12.63 -17.25
N ASP A 162 -50.86 -12.16 -16.23
CA ASP A 162 -51.39 -10.80 -16.23
C ASP A 162 -50.32 -9.75 -16.00
N TYR A 163 -49.11 -10.17 -15.68
CA TYR A 163 -47.99 -9.28 -15.40
C TYR A 163 -46.85 -9.46 -16.39
N PHE A 164 -46.55 -10.70 -16.76
CA PHE A 164 -45.68 -10.99 -17.90
C PHE A 164 -46.53 -11.70 -18.94
N PRO A 165 -46.86 -11.07 -20.06
CA PRO A 165 -47.71 -11.73 -21.04
C PRO A 165 -47.13 -13.00 -21.63
N GLU A 166 -45.81 -13.07 -21.78
CA GLU A 166 -45.19 -14.19 -22.47
C GLU A 166 -45.28 -15.50 -21.72
N PHE A 167 -45.98 -15.57 -20.60
CA PHE A 167 -46.11 -16.84 -19.89
C PHE A 167 -47.08 -17.77 -20.59
N ALA A 168 -47.94 -17.25 -21.46
CA ALA A 168 -48.92 -18.10 -22.12
C ALA A 168 -48.26 -19.05 -23.12
N ARG A 169 -47.13 -18.65 -23.70
CA ARG A 169 -46.48 -19.39 -24.77
C ARG A 169 -45.10 -19.92 -24.37
N TYR A 170 -44.97 -20.46 -23.15
CA TYR A 170 -43.73 -21.03 -22.66
C TYR A 170 -43.96 -22.47 -22.21
N THR A 171 -43.00 -23.35 -22.51
CA THR A 171 -43.07 -24.76 -22.17
C THR A 171 -41.77 -25.24 -21.56
N THR A 172 -41.88 -26.19 -20.64
CA THR A 172 -40.71 -26.71 -19.95
C THR A 172 -39.70 -27.27 -20.95
N PRO A 173 -38.41 -27.08 -20.73
CA PRO A 173 -37.42 -27.75 -21.59
C PRO A 173 -37.61 -29.26 -21.54
N GLU A 174 -37.47 -29.89 -22.70
CA GLU A 174 -37.97 -31.24 -22.88
C GLU A 174 -37.26 -32.23 -21.95
N ASP A 175 -35.96 -32.41 -22.16
CA ASP A 175 -35.20 -33.46 -21.48
C ASP A 175 -34.41 -32.94 -20.30
N ALA A 176 -34.68 -31.73 -19.82
CA ALA A 176 -33.91 -31.13 -18.75
C ALA A 176 -34.84 -30.64 -17.65
N THR A 177 -35.76 -31.51 -17.24
CA THR A 177 -36.77 -31.15 -16.24
C THR A 177 -36.53 -31.94 -14.97
N PRO A 178 -35.75 -31.42 -14.04
CA PRO A 178 -35.59 -32.09 -12.74
C PRO A 178 -36.60 -31.60 -11.71
N GLU A 179 -36.94 -32.48 -10.79
CA GLU A 179 -37.89 -32.21 -9.72
C GLU A 179 -37.89 -33.39 -8.77
N PRO A 180 -38.37 -33.21 -7.54
CA PRO A 180 -38.37 -34.30 -6.55
C PRO A 180 -39.72 -34.98 -6.32
N GLY A 181 -40.72 -34.73 -7.14
CA GLY A 181 -42.04 -35.27 -6.86
C GLY A 181 -43.12 -34.23 -6.66
N GLU A 182 -43.02 -33.10 -7.38
CA GLU A 182 -43.97 -32.00 -7.33
C GLU A 182 -44.78 -31.93 -8.62
N ASP A 183 -45.65 -30.94 -8.68
CA ASP A 183 -46.57 -30.77 -9.81
C ASP A 183 -45.82 -30.25 -11.04
N PRO A 184 -46.42 -30.36 -12.23
CA PRO A 184 -45.81 -29.76 -13.42
C PRO A 184 -45.96 -28.25 -13.50
N ARG A 185 -47.10 -27.74 -13.01
CA ARG A 185 -47.38 -26.31 -13.05
C ARG A 185 -46.39 -25.53 -12.20
N VAL A 186 -46.09 -26.02 -10.99
CA VAL A 186 -45.11 -25.36 -10.15
C VAL A 186 -43.74 -25.37 -10.83
N THR A 187 -43.42 -26.44 -11.56
CA THR A 187 -42.16 -26.50 -12.26
C THR A 187 -42.10 -25.45 -13.36
N ARG A 188 -43.19 -25.28 -14.12
CA ARG A 188 -43.19 -24.23 -15.13
C ARG A 188 -43.00 -22.86 -14.50
N ALA A 189 -43.71 -22.59 -13.42
CA ALA A 189 -43.62 -21.28 -12.79
C ALA A 189 -42.21 -21.02 -12.27
N LYS A 190 -41.56 -22.02 -11.68
CA LYS A 190 -40.20 -21.83 -11.19
C LYS A 190 -39.22 -21.58 -12.34
N TYR A 191 -39.32 -22.39 -13.39
CA TYR A 191 -38.33 -22.31 -14.46
C TYR A 191 -38.45 -21.02 -15.23
N PHE A 192 -39.65 -20.44 -15.31
CA PHE A 192 -39.79 -19.17 -16.02
C PHE A 192 -38.97 -18.06 -15.36
N ILE A 193 -39.04 -17.95 -14.03
CA ILE A 193 -38.31 -16.91 -13.31
C ILE A 193 -36.81 -17.17 -13.36
N ARG A 194 -36.40 -18.43 -13.18
CA ARG A 194 -35.00 -18.75 -13.38
C ARG A 194 -34.53 -18.22 -14.73
N LYS A 195 -35.32 -18.45 -15.77
CA LYS A 195 -34.91 -18.06 -17.11
C LYS A 195 -34.79 -16.56 -17.23
N GLU A 196 -35.74 -15.82 -16.67
CA GLU A 196 -35.67 -14.36 -16.76
C GLU A 196 -34.34 -13.84 -16.22
N PHE A 197 -33.94 -14.34 -15.04
CA PHE A 197 -32.69 -13.83 -14.48
C PHE A 197 -31.48 -14.31 -15.27
N VAL A 198 -31.46 -15.59 -15.65
CA VAL A 198 -30.28 -16.11 -16.34
C VAL A 198 -30.11 -15.45 -17.70
N ASP A 199 -31.21 -15.13 -18.38
CA ASP A 199 -31.08 -14.52 -19.69
C ASP A 199 -30.85 -13.02 -19.62
N ILE A 200 -31.06 -12.38 -18.47
CA ILE A 200 -30.38 -11.10 -18.29
C ILE A 200 -28.88 -11.33 -18.13
N SER A 201 -28.50 -12.39 -17.43
CA SER A 201 -27.09 -12.59 -17.09
C SER A 201 -26.24 -12.83 -18.33
N THR A 202 -26.72 -13.63 -19.28
CA THR A 202 -25.87 -14.05 -20.39
C THR A 202 -26.01 -13.16 -21.62
N ALA A 203 -26.70 -12.03 -21.53
CA ALA A 203 -26.83 -11.16 -22.69
C ALA A 203 -25.49 -10.54 -23.07
N SER A 204 -24.79 -9.95 -22.11
CA SER A 204 -23.52 -9.31 -22.42
C SER A 204 -22.63 -9.38 -21.18
N GLY A 205 -21.84 -10.45 -21.09
CA GLY A 205 -20.93 -10.64 -19.99
C GLY A 205 -19.53 -11.05 -20.43
N ASP A 206 -19.39 -11.39 -21.71
CA ASP A 206 -18.12 -11.75 -22.35
C ASP A 206 -17.48 -12.99 -21.74
N GLY A 207 -18.22 -13.76 -20.95
CA GLY A 207 -17.67 -14.98 -20.39
C GLY A 207 -16.69 -14.81 -19.26
N ARG A 208 -16.57 -13.60 -18.70
CA ARG A 208 -15.62 -13.34 -17.63
C ARG A 208 -16.21 -13.43 -16.23
N HIS A 209 -17.52 -13.64 -16.09
CA HIS A 209 -18.11 -13.87 -14.78
C HIS A 209 -19.49 -14.49 -14.94
N ILE A 210 -19.86 -15.32 -13.98
CA ILE A 210 -20.98 -16.26 -14.11
C ILE A 210 -21.99 -16.00 -13.00
N CYS A 211 -23.20 -16.53 -13.20
CA CYS A 211 -24.30 -16.43 -12.25
C CYS A 211 -24.77 -17.83 -11.85
N TYR A 212 -24.93 -18.05 -10.56
CA TYR A 212 -25.29 -19.37 -10.01
C TYR A 212 -26.65 -19.33 -9.30
N PRO A 213 -27.73 -19.84 -9.88
CA PRO A 213 -29.05 -19.72 -9.26
C PRO A 213 -29.49 -20.91 -8.42
N HIS A 214 -30.29 -20.61 -7.41
CA HIS A 214 -30.71 -21.57 -6.38
C HIS A 214 -32.09 -21.21 -5.86
N PHE A 215 -32.77 -22.20 -5.29
CA PHE A 215 -34.10 -22.06 -4.68
C PHE A 215 -34.04 -22.45 -3.20
N THR A 216 -34.64 -21.63 -2.35
CA THR A 216 -34.59 -21.87 -0.89
C THR A 216 -35.88 -21.41 -0.21
N CYS A 217 -36.12 -21.86 1.03
CA CYS A 217 -37.28 -21.39 1.80
C CYS A 217 -36.75 -20.64 3.03
N ALA A 218 -37.45 -20.69 4.15
CA ALA A 218 -36.98 -20.04 5.40
C ALA A 218 -36.51 -21.10 6.40
N VAL A 219 -36.65 -22.38 6.04
CA VAL A 219 -36.29 -23.50 6.97
C VAL A 219 -35.10 -24.28 6.41
N ASP A 220 -34.58 -23.89 5.24
CA ASP A 220 -33.46 -24.63 4.59
C ASP A 220 -32.19 -24.46 5.44
N THR A 221 -31.56 -25.57 5.82
CA THR A 221 -30.32 -25.52 6.65
C THR A 221 -29.09 -25.77 5.76
N GLU A 222 -29.29 -26.18 4.51
CA GLU A 222 -28.15 -26.51 3.62
C GLU A 222 -27.74 -25.28 2.80
N ASN A 223 -27.60 -24.12 3.44
CA ASN A 223 -27.30 -22.91 2.70
C ASN A 223 -25.86 -22.44 2.81
N ALA A 224 -25.12 -22.92 3.79
CA ALA A 224 -23.71 -22.58 3.89
C ALA A 224 -22.81 -23.46 3.05
N ARG A 225 -23.34 -24.56 2.51
CA ARG A 225 -22.60 -25.48 1.66
C ARG A 225 -22.63 -25.08 0.19
N ARG A 226 -23.75 -24.52 -0.26
CA ARG A 226 -23.85 -24.05 -1.64
C ARG A 226 -22.86 -22.93 -1.90
N ILE A 227 -22.72 -22.02 -0.94
CA ILE A 227 -21.74 -20.94 -1.07
C ILE A 227 -20.34 -21.51 -1.15
N PHE A 228 -20.05 -22.55 -0.37
CA PHE A 228 -18.71 -23.15 -0.40
C PHE A 228 -18.40 -23.77 -1.75
N ASN A 229 -19.33 -24.55 -2.30
CA ASN A 229 -19.12 -25.16 -3.61
C ASN A 229 -18.92 -24.09 -4.69
N ASP A 230 -19.76 -23.07 -4.69
CA ASP A 230 -19.66 -22.02 -5.70
C ASP A 230 -18.35 -21.25 -5.59
N CYS A 231 -17.90 -20.97 -4.37
CA CYS A 231 -16.63 -20.29 -4.20
C CYS A 231 -15.46 -21.13 -4.67
N LYS A 232 -15.51 -22.45 -4.43
CA LYS A 232 -14.48 -23.33 -4.97
C LYS A 232 -14.42 -23.24 -6.49
N ASP A 233 -15.58 -23.19 -7.15
CA ASP A 233 -15.60 -23.05 -8.61
C ASP A 233 -15.03 -21.70 -9.07
N ILE A 234 -15.36 -20.63 -8.36
CA ILE A 234 -14.84 -19.30 -8.72
C ILE A 234 -13.32 -19.29 -8.64
N ILE A 235 -12.76 -19.88 -7.59
CA ILE A 235 -11.32 -19.89 -7.44
C ILE A 235 -10.66 -20.80 -8.48
N LEU A 236 -11.32 -21.90 -8.86
CA LEU A 236 -10.80 -22.71 -9.97
C LEU A 236 -10.67 -21.89 -11.25
N GLN A 237 -11.70 -21.10 -11.57
CA GLN A 237 -11.62 -20.28 -12.77
C GLN A 237 -10.49 -19.26 -12.68
N MET A 238 -10.34 -18.64 -11.51
CA MET A 238 -9.26 -17.67 -11.32
C MET A 238 -7.90 -18.31 -11.52
N ASN A 239 -7.70 -19.51 -10.99
CA ASN A 239 -6.43 -20.19 -11.15
C ASN A 239 -6.17 -20.53 -12.60
N LEU A 240 -7.20 -20.95 -13.33
CA LEU A 240 -7.01 -21.27 -14.74
C LEU A 240 -6.58 -20.05 -15.53
N ARG A 241 -7.18 -18.90 -15.27
CA ARG A 241 -6.85 -17.75 -16.10
C ARG A 241 -5.40 -17.32 -15.97
N GLU A 242 -4.79 -17.44 -14.78
CA GLU A 242 -3.41 -16.96 -14.63
C GLU A 242 -2.44 -17.85 -15.39
N TYR A 243 -2.65 -19.16 -15.34
CA TYR A 243 -1.77 -20.10 -16.01
C TYR A 243 -2.08 -20.26 -17.48
N ASN A 244 -2.91 -19.39 -18.04
CA ASN A 244 -3.23 -19.32 -19.46
C ASN A 244 -3.86 -20.59 -20.00
N LEU A 245 -4.29 -21.49 -19.14
CA LEU A 245 -4.93 -22.72 -19.61
C LEU A 245 -6.24 -22.40 -20.33
N VAL A 246 -7.01 -21.46 -19.81
CA VAL A 246 -8.25 -21.05 -20.46
C VAL A 246 -8.24 -19.54 -20.63
N LEU B 9 -48.43 26.83 -5.62
CA LEU B 9 -47.05 26.53 -5.95
C LEU B 9 -46.65 27.08 -7.33
N ASP B 10 -47.64 27.33 -8.20
CA ASP B 10 -47.32 27.88 -9.52
C ASP B 10 -46.65 29.24 -9.41
N GLN B 11 -47.16 30.10 -8.52
CA GLN B 11 -46.57 31.42 -8.34
C GLN B 11 -45.12 31.32 -7.85
N LEU B 12 -44.87 30.44 -6.89
CA LEU B 12 -43.50 30.30 -6.37
C LEU B 12 -42.56 29.76 -7.44
N ARG B 13 -43.00 28.78 -8.22
CA ARG B 13 -42.16 28.25 -9.29
C ARG B 13 -41.84 29.33 -10.33
N GLN B 14 -42.84 30.15 -10.68
CA GLN B 14 -42.60 31.22 -11.64
C GLN B 14 -41.59 32.23 -11.09
N GLU B 15 -41.70 32.57 -9.81
CA GLU B 15 -40.74 33.49 -9.22
C GLU B 15 -39.33 32.91 -9.24
N ALA B 16 -39.20 31.62 -8.96
CA ALA B 16 -37.88 30.98 -9.00
C ALA B 16 -37.28 31.03 -10.39
N GLU B 17 -38.08 30.74 -11.41
CA GLU B 17 -37.57 30.80 -12.78
C GLU B 17 -37.13 32.21 -13.15
N GLN B 18 -37.93 33.21 -12.77
CA GLN B 18 -37.56 34.59 -13.05
C GLN B 18 -36.24 34.96 -12.38
N LEU B 19 -36.04 34.51 -11.13
CA LEU B 19 -34.82 34.86 -10.42
C LEU B 19 -33.60 34.20 -11.04
N LYS B 20 -33.72 32.94 -11.46
CA LYS B 20 -32.61 32.31 -12.15
C LYS B 20 -32.28 33.05 -13.45
N ASN B 21 -33.33 33.51 -14.16
CA ASN B 21 -33.09 34.28 -15.38
C ASN B 21 -32.35 35.58 -15.08
N GLN B 22 -32.73 36.28 -14.00
CA GLN B 22 -32.06 37.53 -13.67
C GLN B 22 -30.59 37.29 -13.33
N ILE B 23 -30.30 36.23 -12.58
CA ILE B 23 -28.91 35.90 -12.27
C ILE B 23 -28.12 35.65 -13.55
N ARG B 24 -28.69 34.86 -14.47
CA ARG B 24 -28.00 34.56 -15.72
C ARG B 24 -27.79 35.80 -16.57
N ASP B 25 -28.70 36.77 -16.48
CA ASP B 25 -28.52 38.01 -17.24
C ASP B 25 -27.48 38.92 -16.62
N ALA B 26 -27.39 38.96 -15.30
CA ALA B 26 -26.40 39.82 -14.66
C ALA B 26 -25.00 39.24 -14.76
N ARG B 27 -24.86 37.92 -14.79
CA ARG B 27 -23.55 37.35 -15.05
C ARG B 27 -23.19 37.28 -16.52
N LYS B 28 -23.88 38.02 -17.37
CA LYS B 28 -23.44 38.19 -18.75
C LYS B 28 -23.05 39.62 -19.06
N ALA B 29 -23.67 40.60 -18.41
CA ALA B 29 -23.23 41.98 -18.54
C ALA B 29 -21.89 42.23 -17.85
N CYS B 30 -21.42 41.28 -17.04
CA CYS B 30 -20.15 41.40 -16.33
C CYS B 30 -19.03 40.62 -17.00
N ALA B 31 -19.25 40.07 -18.18
CA ALA B 31 -18.23 39.34 -18.91
C ALA B 31 -17.92 40.08 -20.19
N ASP B 32 -16.76 40.74 -20.23
CA ASP B 32 -16.37 41.51 -21.40
C ASP B 32 -15.22 40.90 -22.18
N ALA B 33 -14.28 40.24 -21.51
CA ALA B 33 -13.17 39.60 -22.19
C ALA B 33 -13.09 38.14 -21.76
N THR B 34 -12.01 37.47 -22.11
CA THR B 34 -11.80 36.08 -21.74
C THR B 34 -10.38 35.90 -21.25
N LEU B 35 -10.19 34.97 -20.33
CA LEU B 35 -8.85 34.64 -19.85
C LEU B 35 -7.95 34.19 -21.00
N SER B 36 -8.53 33.62 -22.05
CA SER B 36 -7.72 33.16 -23.17
C SER B 36 -7.05 34.31 -23.89
N GLN B 37 -7.75 35.43 -24.07
CA GLN B 37 -7.19 36.56 -24.79
C GLN B 37 -6.49 37.57 -23.89
N ILE B 38 -6.77 37.58 -22.59
CA ILE B 38 -5.99 38.43 -21.70
C ILE B 38 -4.56 37.92 -21.58
N THR B 39 -4.35 36.62 -21.74
CA THR B 39 -3.06 35.99 -21.57
C THR B 39 -2.50 35.44 -22.89
N ASN B 40 -2.62 36.20 -23.98
CA ASN B 40 -2.06 35.74 -25.25
C ASN B 40 -0.61 36.16 -25.43
N ASN B 41 -0.26 37.36 -24.99
CA ASN B 41 1.09 37.88 -25.18
C ASN B 41 1.96 37.64 -23.95
N ILE B 42 2.13 36.37 -23.58
CA ILE B 42 3.14 35.99 -22.60
C ILE B 42 3.87 34.76 -23.09
N ASP B 43 5.09 34.58 -22.63
CA ASP B 43 5.88 33.42 -23.03
C ASP B 43 5.39 32.17 -22.31
N PRO B 44 5.34 31.02 -22.98
CA PRO B 44 4.86 29.79 -22.33
C PRO B 44 5.81 29.16 -21.33
N VAL B 45 5.48 27.96 -20.89
CA VAL B 45 6.15 27.34 -19.74
C VAL B 45 7.31 26.46 -20.22
N GLY B 46 7.01 25.45 -21.02
CA GLY B 46 8.03 24.53 -21.45
C GLY B 46 7.62 23.09 -21.18
N ARG B 47 8.59 22.20 -21.03
CA ARG B 47 8.31 20.80 -20.75
C ARG B 47 8.77 20.48 -19.35
N ILE B 48 7.85 19.96 -18.53
CA ILE B 48 8.11 19.64 -17.14
C ILE B 48 8.35 18.14 -17.05
N GLN B 49 9.60 17.75 -16.90
CA GLN B 49 9.96 16.35 -16.71
C GLN B 49 10.27 16.13 -15.25
N MET B 50 9.55 15.22 -14.62
CA MET B 50 9.73 14.91 -13.21
C MET B 50 10.03 13.44 -13.07
N ARG B 51 10.89 13.09 -12.14
CA ARG B 51 11.31 11.72 -11.95
C ARG B 51 11.03 11.26 -10.53
N THR B 52 10.78 9.98 -10.37
CA THR B 52 10.49 9.43 -9.06
C THR B 52 11.74 9.45 -8.19
N ARG B 53 11.62 10.01 -6.99
CA ARG B 53 12.71 10.04 -6.03
C ARG B 53 12.55 9.03 -4.91
N ARG B 54 11.33 8.65 -4.54
CA ARG B 54 11.11 7.67 -3.49
C ARG B 54 9.95 6.76 -3.85
N THR B 55 9.98 5.55 -3.31
CA THR B 55 8.85 4.64 -3.35
C THR B 55 8.68 4.05 -1.98
N LEU B 56 7.46 4.09 -1.47
CA LEU B 56 7.16 3.79 -0.08
C LEU B 56 6.29 2.55 -0.03
N ARG B 57 6.89 1.41 0.34
CA ARG B 57 6.23 0.12 0.38
C ARG B 57 5.83 -0.26 1.78
N GLY B 58 4.81 -1.11 1.89
CA GLY B 58 4.32 -1.53 3.19
C GLY B 58 2.84 -1.83 3.30
N HIS B 59 2.02 -1.29 2.43
CA HIS B 59 0.59 -1.60 2.44
C HIS B 59 0.27 -2.82 1.60
N LEU B 60 -0.79 -3.53 1.99
CA LEU B 60 -1.19 -4.78 1.37
C LEU B 60 -2.59 -4.71 0.78
N ALA B 61 -3.08 -3.51 0.49
CA ALA B 61 -4.40 -3.32 -0.09
C ALA B 61 -4.42 -1.95 -0.77
N LYS B 62 -5.60 -1.51 -1.16
CA LYS B 62 -5.77 -0.25 -1.86
C LYS B 62 -5.51 0.93 -0.94
N ILE B 63 -5.07 2.03 -1.53
CA ILE B 63 -4.81 3.28 -0.81
C ILE B 63 -5.87 4.28 -1.22
N TYR B 64 -6.52 4.90 -0.23
CA TYR B 64 -7.62 5.83 -0.49
C TYR B 64 -7.31 7.29 -0.21
N ALA B 65 -6.45 7.61 0.76
CA ALA B 65 -6.21 9.00 1.09
C ALA B 65 -4.80 9.19 1.61
N MET B 66 -4.30 10.42 1.48
CA MET B 66 -3.04 10.83 2.08
C MET B 66 -3.09 12.32 2.36
N HIS B 67 -2.29 12.75 3.34
CA HIS B 67 -2.20 14.15 3.72
C HIS B 67 -0.79 14.47 4.19
N TRP B 68 -0.28 15.64 3.79
CA TRP B 68 1.02 16.09 4.24
C TRP B 68 0.90 16.81 5.58
N GLY B 69 2.04 16.95 6.24
CA GLY B 69 2.13 17.76 7.43
C GLY B 69 2.77 19.11 7.15
N THR B 70 2.61 20.02 8.10
CA THR B 70 3.06 21.39 7.89
C THR B 70 4.56 21.55 7.99
N ASP B 71 5.28 20.54 8.46
CA ASP B 71 6.74 20.57 8.46
C ASP B 71 7.33 20.09 7.15
N SER B 72 6.51 19.56 6.25
CA SER B 72 6.92 19.14 4.92
C SER B 72 7.85 17.94 4.94
N ARG B 73 7.74 17.10 5.96
CA ARG B 73 8.57 15.91 6.07
C ARG B 73 7.77 14.66 6.38
N LEU B 74 6.62 14.84 7.04
CA LEU B 74 5.81 13.73 7.50
C LEU B 74 4.50 13.67 6.73
N LEU B 75 4.00 12.46 6.48
CA LEU B 75 2.71 12.29 5.85
C LEU B 75 2.02 11.04 6.38
N VAL B 76 0.70 11.00 6.23
CA VAL B 76 -0.15 9.93 6.72
C VAL B 76 -0.94 9.34 5.56
N SER B 77 -1.19 8.02 5.60
CA SER B 77 -1.84 7.32 4.50
C SER B 77 -2.84 6.30 5.02
N ALA B 78 -3.97 6.18 4.33
CA ALA B 78 -5.08 5.31 4.71
C ALA B 78 -5.27 4.19 3.70
N SER B 79 -5.52 2.98 4.20
CA SER B 79 -5.60 1.80 3.36
C SER B 79 -6.77 0.92 3.76
N GLN B 80 -7.20 0.09 2.81
CA GLN B 80 -8.32 -0.82 3.01
C GLN B 80 -7.97 -2.05 3.82
N ASP B 81 -6.69 -2.27 4.13
CA ASP B 81 -6.33 -3.33 5.05
C ASP B 81 -6.63 -2.97 6.50
N GLY B 82 -7.01 -1.73 6.77
CA GLY B 82 -7.40 -1.31 8.10
C GLY B 82 -6.27 -0.75 8.92
N LYS B 83 -5.44 0.09 8.31
CA LYS B 83 -4.29 0.63 9.02
C LYS B 83 -3.96 2.03 8.53
N LEU B 84 -3.37 2.82 9.42
CA LEU B 84 -2.84 4.13 9.12
C LEU B 84 -1.34 4.11 9.40
N ILE B 85 -0.55 4.70 8.52
CA ILE B 85 0.90 4.73 8.67
C ILE B 85 1.38 6.17 8.56
N ILE B 86 2.25 6.57 9.48
CA ILE B 86 2.94 7.85 9.42
C ILE B 86 4.35 7.58 8.89
N TRP B 87 4.67 8.16 7.75
CA TRP B 87 5.94 7.95 7.07
C TRP B 87 6.89 9.10 7.37
N ASP B 88 8.17 8.84 7.15
CA ASP B 88 9.19 9.89 7.10
C ASP B 88 9.70 9.96 5.68
N SER B 89 9.42 11.08 5.02
CA SER B 89 9.63 11.16 3.58
C SER B 89 11.11 11.10 3.22
N TYR B 90 11.98 11.72 4.02
CA TYR B 90 13.38 11.83 3.63
C TYR B 90 14.09 10.49 3.65
N THR B 91 13.73 9.61 4.57
CA THR B 91 14.43 8.34 4.75
C THR B 91 13.58 7.11 4.50
N THR B 92 12.28 7.26 4.23
CA THR B 92 11.36 6.13 4.08
C THR B 92 11.31 5.25 5.31
N ASN B 93 11.34 5.86 6.49
CA ASN B 93 11.14 5.13 7.73
C ASN B 93 9.66 5.21 8.13
N LYS B 94 9.23 4.24 8.91
CA LYS B 94 7.88 4.21 9.45
C LYS B 94 7.91 4.64 10.90
N VAL B 95 7.08 5.61 11.25
CA VAL B 95 7.08 6.19 12.58
C VAL B 95 6.01 5.57 13.46
N HIS B 96 4.85 5.23 12.89
CA HIS B 96 3.74 4.68 13.64
C HIS B 96 2.92 3.77 12.75
N ALA B 97 2.12 2.91 13.36
CA ALA B 97 1.14 2.10 12.64
C ALA B 97 -0.06 1.90 13.56
N ILE B 98 -1.22 2.41 13.16
CA ILE B 98 -2.39 2.52 14.01
C ILE B 98 -3.45 1.54 13.51
N PRO B 99 -3.81 0.52 14.29
CA PRO B 99 -4.92 -0.35 13.89
C PRO B 99 -6.26 0.35 14.03
N LEU B 100 -7.20 -0.04 13.17
CA LEU B 100 -8.49 0.62 13.06
C LEU B 100 -9.61 -0.33 13.42
N ARG B 101 -10.69 0.20 13.99
CA ARG B 101 -11.82 -0.63 14.36
C ARG B 101 -12.59 -1.12 13.14
N SER B 102 -12.63 -0.33 12.08
CA SER B 102 -13.23 -0.71 10.81
C SER B 102 -12.20 -0.64 9.71
N SER B 103 -12.41 -1.40 8.65
CA SER B 103 -11.49 -1.44 7.53
C SER B 103 -12.02 -0.70 6.32
N TRP B 104 -13.10 0.04 6.44
CA TRP B 104 -13.72 0.73 5.32
C TRP B 104 -13.48 2.22 5.49
N VAL B 105 -12.32 2.68 5.04
CA VAL B 105 -11.88 4.06 5.22
C VAL B 105 -11.90 4.76 3.88
N MET B 106 -12.25 6.04 3.91
CA MET B 106 -12.27 6.86 2.72
C MET B 106 -11.64 8.24 2.90
N THR B 107 -11.11 8.58 4.07
CA THR B 107 -10.48 9.88 4.27
C THR B 107 -9.56 9.84 5.48
N CYS B 108 -8.62 10.79 5.51
CA CYS B 108 -7.70 10.96 6.63
C CYS B 108 -7.18 12.39 6.61
N ALA B 109 -6.79 12.89 7.78
CA ALA B 109 -6.29 14.24 7.90
C ALA B 109 -5.20 14.31 8.96
N TYR B 110 -4.41 15.39 8.92
CA TYR B 110 -3.27 15.56 9.80
C TYR B 110 -3.33 16.98 10.34
N ALA B 111 -3.28 17.13 11.66
CA ALA B 111 -3.53 18.42 12.28
C ALA B 111 -2.39 19.41 12.03
N PRO B 112 -2.70 20.71 11.99
CA PRO B 112 -1.65 21.70 11.76
C PRO B 112 -0.55 21.71 12.81
N SER B 113 -0.89 21.47 14.07
CA SER B 113 0.12 21.46 15.12
C SER B 113 0.95 20.19 15.11
N GLY B 114 0.37 19.09 14.67
CA GLY B 114 1.08 17.83 14.64
C GLY B 114 0.78 16.89 15.78
N ASN B 115 -0.21 17.20 16.61
CA ASN B 115 -0.51 16.36 17.75
C ASN B 115 -1.60 15.34 17.50
N TYR B 116 -2.44 15.52 16.49
CA TYR B 116 -3.58 14.64 16.26
C TYR B 116 -3.68 14.27 14.79
N VAL B 117 -4.30 13.11 14.52
CA VAL B 117 -4.72 12.71 13.18
C VAL B 117 -6.18 12.27 13.24
N ALA B 118 -6.84 12.28 12.09
CA ALA B 118 -8.24 11.91 11.98
C ALA B 118 -8.47 10.97 10.81
N CYS B 119 -9.54 10.17 10.90
CA CYS B 119 -9.92 9.26 9.82
C CYS B 119 -11.39 8.90 9.98
N GLY B 120 -12.00 8.51 8.87
CA GLY B 120 -13.39 8.10 8.90
C GLY B 120 -13.79 7.43 7.60
N GLY B 121 -14.92 6.75 7.63
CA GLY B 121 -15.34 6.00 6.47
C GLY B 121 -16.78 5.53 6.46
N LEU B 122 -16.99 4.29 6.04
CA LEU B 122 -18.31 3.74 5.77
C LEU B 122 -19.03 3.28 7.02
N ASP B 123 -18.60 3.76 8.18
CA ASP B 123 -19.24 3.45 9.46
C ASP B 123 -19.87 4.66 10.14
N ASN B 124 -19.82 5.84 9.51
CA ASN B 124 -20.53 7.04 9.93
C ASN B 124 -19.93 7.75 11.14
N ILE B 125 -18.66 7.50 11.48
CA ILE B 125 -18.01 8.17 12.62
C ILE B 125 -16.68 8.76 12.15
N CYS B 126 -16.30 9.88 12.74
CA CYS B 126 -14.96 10.46 12.59
C CYS B 126 -14.21 10.30 13.90
N SER B 127 -13.06 9.63 13.84
CA SER B 127 -12.26 9.31 15.00
C SER B 127 -10.99 10.16 15.05
N ILE B 128 -10.64 10.64 16.25
CA ILE B 128 -9.45 11.45 16.48
C ILE B 128 -8.47 10.64 17.31
N TYR B 129 -7.22 10.57 16.85
CA TYR B 129 -6.18 9.78 17.50
C TYR B 129 -5.13 10.70 18.09
N ASN B 130 -4.80 10.50 19.37
CA ASN B 130 -3.80 11.29 20.07
C ASN B 130 -2.42 10.70 19.79
N LEU B 131 -1.53 11.50 19.21
CA LEU B 131 -0.28 10.95 18.70
C LEU B 131 0.81 10.94 19.77
N LYS B 132 1.11 12.08 20.35
CA LYS B 132 2.20 12.20 21.30
C LYS B 132 1.66 12.35 22.72
N THR B 133 2.01 11.40 23.56
CA THR B 133 1.50 11.27 24.92
C THR B 133 2.46 10.40 25.71
N ARG B 134 2.30 10.39 27.03
CA ARG B 134 3.01 9.42 27.85
C ARG B 134 2.50 8.01 27.50
N GLU B 135 3.01 7.02 28.20
CA GLU B 135 2.69 5.61 27.99
C GLU B 135 3.19 5.08 26.65
N GLY B 136 3.57 5.94 25.71
CA GLY B 136 4.24 5.50 24.51
C GLY B 136 3.39 5.05 23.34
N ASN B 137 2.11 4.76 23.57
CA ASN B 137 1.23 4.27 22.52
C ASN B 137 0.41 5.41 21.92
N VAL B 138 -0.35 5.09 20.88
CA VAL B 138 -1.28 6.01 20.23
C VAL B 138 -2.69 5.49 20.48
N ARG B 139 -3.54 6.30 21.09
CA ARG B 139 -4.87 5.86 21.49
C ARG B 139 -5.93 6.86 21.08
N VAL B 140 -7.18 6.39 21.06
CA VAL B 140 -8.31 7.19 20.60
C VAL B 140 -8.60 8.28 21.60
N SER B 141 -8.91 9.48 21.11
CA SER B 141 -9.27 10.61 21.95
C SER B 141 -10.75 10.93 21.92
N ARG B 142 -11.42 10.81 20.77
CA ARG B 142 -12.82 11.17 20.67
C ARG B 142 -13.42 10.51 19.45
N GLU B 143 -14.69 10.12 19.56
CA GLU B 143 -15.48 9.61 18.44
C GLU B 143 -16.72 10.48 18.27
N LEU B 144 -16.96 10.93 17.05
CA LEU B 144 -18.01 11.89 16.76
C LEU B 144 -19.10 11.20 15.95
N ALA B 145 -20.31 11.14 16.51
CA ALA B 145 -21.43 10.49 15.85
C ALA B 145 -22.56 11.48 15.63
N GLY B 146 -23.35 11.24 14.60
CA GLY B 146 -24.40 12.18 14.25
C GLY B 146 -24.71 12.29 12.77
N HIS B 147 -23.77 11.88 11.93
CA HIS B 147 -24.04 11.80 10.50
C HIS B 147 -24.84 10.54 10.20
N THR B 148 -25.64 10.60 9.14
CA THR B 148 -26.46 9.46 8.72
C THR B 148 -26.04 8.92 7.37
N GLY B 149 -24.74 8.95 7.08
CA GLY B 149 -24.21 8.43 5.84
C GLY B 149 -22.71 8.44 5.92
N TYR B 150 -22.09 7.88 4.89
CA TYR B 150 -20.66 7.68 4.92
C TYR B 150 -19.93 9.01 4.87
N LEU B 151 -18.77 9.07 5.52
CA LEU B 151 -17.94 10.25 5.49
C LEU B 151 -17.02 10.27 4.29
N SER B 152 -16.86 11.45 3.70
CA SER B 152 -16.10 11.63 2.48
C SER B 152 -14.87 12.50 2.63
N CYS B 153 -14.87 13.46 3.55
CA CYS B 153 -13.73 14.34 3.73
C CYS B 153 -13.80 14.94 5.13
N CYS B 154 -12.64 15.21 5.70
CA CYS B 154 -12.53 15.91 6.98
C CYS B 154 -11.27 16.76 6.97
N ARG B 155 -11.37 17.97 7.50
CA ARG B 155 -10.25 18.88 7.60
C ARG B 155 -10.26 19.55 8.96
N PHE B 156 -9.06 19.79 9.48
CA PHE B 156 -8.86 20.46 10.76
C PHE B 156 -8.78 21.96 10.55
N LEU B 157 -9.48 22.72 11.39
CA LEU B 157 -9.28 24.15 11.47
C LEU B 157 -8.27 24.53 12.53
N ASP B 158 -8.39 23.92 13.71
CA ASP B 158 -7.54 24.13 14.86
C ASP B 158 -7.48 22.81 15.61
N ASP B 159 -6.98 22.84 16.84
CA ASP B 159 -6.91 21.63 17.63
C ASP B 159 -8.22 21.27 18.32
N ASN B 160 -9.25 22.11 18.19
CA ASN B 160 -10.53 21.76 18.79
C ASN B 160 -11.69 22.04 17.82
N GLN B 161 -11.45 22.03 16.52
CA GLN B 161 -12.51 22.20 15.54
C GLN B 161 -12.20 21.43 14.27
N ILE B 162 -13.24 20.86 13.67
CA ILE B 162 -13.11 20.02 12.49
C ILE B 162 -14.36 20.19 11.62
N VAL B 163 -14.18 20.09 10.31
CA VAL B 163 -15.28 20.16 9.34
C VAL B 163 -15.36 18.83 8.61
N THR B 164 -16.57 18.27 8.51
CA THR B 164 -16.82 16.99 7.86
C THR B 164 -17.87 17.11 6.79
N SER B 165 -17.74 16.29 5.74
CA SER B 165 -18.73 16.15 4.68
C SER B 165 -19.20 14.71 4.63
N SER B 166 -20.47 14.51 4.30
CA SER B 166 -21.07 13.19 4.32
C SER B 166 -21.93 12.97 3.09
N GLY B 167 -22.34 11.72 2.90
CA GLY B 167 -23.20 11.29 1.85
C GLY B 167 -24.68 11.39 2.13
N ASP B 168 -25.07 11.95 3.27
CA ASP B 168 -26.45 12.29 3.56
C ASP B 168 -26.81 13.69 3.12
N THR B 169 -26.02 14.28 2.21
CA THR B 169 -26.24 15.60 1.65
C THR B 169 -26.07 16.72 2.69
N THR B 170 -25.05 16.65 3.53
CA THR B 170 -24.90 17.69 4.53
C THR B 170 -23.45 17.78 4.99
N CYS B 171 -23.13 18.91 5.64
CA CYS B 171 -21.83 19.19 6.23
C CYS B 171 -22.03 19.73 7.63
N ALA B 172 -21.05 19.52 8.52
CA ALA B 172 -21.17 19.92 9.91
C ALA B 172 -19.82 20.39 10.47
N LEU B 173 -19.89 21.28 11.46
CA LEU B 173 -18.74 21.72 12.25
C LEU B 173 -18.87 21.18 13.67
N TRP B 174 -17.75 20.75 14.24
CA TRP B 174 -17.74 20.10 15.54
C TRP B 174 -16.83 20.81 16.53
N ASP B 175 -17.16 20.66 17.80
CA ASP B 175 -16.28 21.02 18.91
C ASP B 175 -15.82 19.72 19.56
N ILE B 176 -14.51 19.48 19.54
CA ILE B 176 -14.00 18.16 19.89
C ILE B 176 -14.14 17.89 21.39
N GLU B 177 -13.81 18.86 22.24
CA GLU B 177 -13.82 18.62 23.68
C GLU B 177 -15.22 18.25 24.16
N THR B 178 -16.22 19.01 23.72
CA THR B 178 -17.60 18.71 24.10
C THR B 178 -18.16 17.57 23.27
N GLY B 179 -17.70 17.39 22.04
CA GLY B 179 -18.16 16.27 21.22
C GLY B 179 -19.46 16.47 20.50
N GLN B 180 -19.86 17.72 20.23
CA GLN B 180 -21.18 18.00 19.71
C GLN B 180 -21.11 18.89 18.48
N GLN B 181 -22.13 18.78 17.63
CA GLN B 181 -22.23 19.64 16.46
C GLN B 181 -22.54 21.08 16.87
N THR B 182 -21.96 22.03 16.13
CA THR B 182 -22.16 23.44 16.36
C THR B 182 -22.95 24.12 15.25
N THR B 183 -22.66 23.81 13.99
CA THR B 183 -23.40 24.36 12.87
C THR B 183 -23.59 23.27 11.83
N THR B 184 -24.80 23.18 11.28
CA THR B 184 -25.10 22.28 10.18
C THR B 184 -25.31 23.10 8.91
N PHE B 185 -24.68 22.66 7.82
CA PHE B 185 -24.74 23.31 6.53
C PHE B 185 -25.58 22.45 5.59
N THR B 186 -26.67 23.01 5.07
CA THR B 186 -27.63 22.26 4.27
C THR B 186 -27.90 22.98 2.96
N GLY B 187 -28.36 22.22 1.97
CA GLY B 187 -28.69 22.80 0.69
C GLY B 187 -28.41 21.95 -0.55
N HIS B 188 -27.51 20.98 -0.46
CA HIS B 188 -27.23 20.15 -1.61
C HIS B 188 -28.37 19.17 -1.86
N THR B 189 -28.45 18.67 -3.09
CA THR B 189 -29.43 17.67 -3.47
C THR B 189 -28.88 16.25 -3.48
N GLY B 190 -27.58 16.07 -3.70
CA GLY B 190 -26.99 14.76 -3.65
C GLY B 190 -25.83 14.63 -2.69
N ASP B 191 -25.04 13.57 -2.82
CA ASP B 191 -23.93 13.33 -1.91
C ASP B 191 -22.85 14.38 -2.08
N VAL B 192 -22.17 14.71 -1.00
CA VAL B 192 -21.03 15.61 -1.01
C VAL B 192 -19.76 14.78 -1.03
N MET B 193 -18.84 15.10 -1.94
CA MET B 193 -17.67 14.29 -2.18
C MET B 193 -16.35 14.93 -1.76
N SER B 194 -16.25 16.26 -1.70
CA SER B 194 -15.01 16.87 -1.29
C SER B 194 -15.25 18.27 -0.77
N LEU B 195 -14.27 18.77 -0.01
CA LEU B 195 -14.28 20.14 0.48
C LEU B 195 -12.86 20.64 0.61
N SER B 196 -12.71 21.96 0.59
CA SER B 196 -11.40 22.58 0.70
C SER B 196 -11.53 23.92 1.41
N LEU B 197 -10.62 24.19 2.35
CA LEU B 197 -10.63 25.37 3.19
C LEU B 197 -9.74 26.47 2.65
N ALA B 198 -10.11 27.69 2.99
CA ALA B 198 -9.39 28.88 2.57
C ALA B 198 -8.17 29.12 3.44
N PRO B 199 -7.18 29.86 2.93
CA PRO B 199 -5.99 30.13 3.76
C PRO B 199 -6.29 30.82 5.08
N ASP B 200 -7.23 31.75 5.12
CA ASP B 200 -7.55 32.46 6.35
C ASP B 200 -8.55 31.72 7.24
N THR B 201 -9.14 30.63 6.73
CA THR B 201 -10.06 29.79 7.49
C THR B 201 -11.25 30.61 8.00
N ARG B 202 -11.97 31.17 7.04
CA ARG B 202 -13.29 31.75 7.30
C ARG B 202 -14.29 31.38 6.23
N LEU B 203 -13.90 30.61 5.21
CA LEU B 203 -14.78 30.10 4.19
C LEU B 203 -14.29 28.72 3.76
N PHE B 204 -15.17 27.98 3.09
CA PHE B 204 -14.79 26.72 2.43
C PHE B 204 -15.77 26.44 1.32
N VAL B 205 -15.37 25.56 0.39
CA VAL B 205 -16.19 25.15 -0.75
C VAL B 205 -16.41 23.65 -0.72
N SER B 206 -17.55 23.21 -1.22
CA SER B 206 -17.92 21.81 -1.24
C SER B 206 -18.43 21.43 -2.62
N GLY B 207 -18.07 20.25 -3.08
CA GLY B 207 -18.51 19.75 -4.37
C GLY B 207 -19.33 18.48 -4.22
N ALA B 208 -20.37 18.35 -5.03
CA ALA B 208 -21.34 17.29 -4.82
C ALA B 208 -21.67 16.50 -6.08
N CYS B 209 -22.66 15.63 -5.97
CA CYS B 209 -23.11 14.79 -7.07
C CYS B 209 -24.30 15.37 -7.82
N ASP B 210 -24.74 16.56 -7.48
CA ASP B 210 -25.75 17.27 -8.24
C ASP B 210 -25.14 18.21 -9.27
N ALA B 211 -23.85 18.05 -9.56
CA ALA B 211 -23.13 18.86 -10.55
C ALA B 211 -23.13 20.33 -10.17
N SER B 212 -22.83 20.61 -8.90
CA SER B 212 -22.76 21.98 -8.42
C SER B 212 -21.77 22.07 -7.28
N ALA B 213 -21.25 23.27 -7.06
CA ALA B 213 -20.36 23.58 -5.96
C ALA B 213 -20.87 24.82 -5.25
N LYS B 214 -20.77 24.84 -3.93
CA LYS B 214 -21.28 25.94 -3.12
C LYS B 214 -20.19 26.52 -2.26
N LEU B 215 -20.27 27.83 -2.00
CA LEU B 215 -19.33 28.53 -1.14
C LEU B 215 -20.03 28.97 0.13
N TRP B 216 -19.47 28.59 1.28
CA TRP B 216 -20.12 28.76 2.57
C TRP B 216 -19.38 29.74 3.45
N ASP B 217 -20.09 30.23 4.45
CA ASP B 217 -19.53 31.01 5.54
C ASP B 217 -19.49 30.15 6.79
N VAL B 218 -18.42 30.26 7.56
CA VAL B 218 -18.22 29.36 8.70
C VAL B 218 -18.90 29.87 9.96
N ARG B 219 -18.75 31.16 10.27
CA ARG B 219 -19.35 31.69 11.49
C ARG B 219 -20.86 31.78 11.39
N GLU B 220 -21.38 32.32 10.28
CA GLU B 220 -22.81 32.55 10.17
C GLU B 220 -23.59 31.29 9.87
N GLY B 221 -23.07 30.42 9.03
CA GLY B 221 -23.75 29.18 8.69
C GLY B 221 -24.55 29.21 7.40
N MET B 222 -24.36 30.22 6.57
CA MET B 222 -25.17 30.43 5.38
C MET B 222 -24.42 29.96 4.13
N CYS B 223 -25.03 30.21 2.98
CA CYS B 223 -24.49 29.86 1.67
C CYS B 223 -24.52 31.09 0.79
N ARG B 224 -23.35 31.48 0.27
CA ARG B 224 -23.24 32.77 -0.41
C ARG B 224 -23.40 32.67 -1.92
N GLN B 225 -22.79 31.68 -2.56
CA GLN B 225 -22.88 31.54 -4.02
C GLN B 225 -23.00 30.07 -4.39
N THR B 226 -23.47 29.82 -5.61
CA THR B 226 -23.54 28.48 -6.16
C THR B 226 -23.08 28.50 -7.60
N PHE B 227 -22.21 27.56 -7.96
CA PHE B 227 -21.58 27.52 -9.28
C PHE B 227 -22.01 26.26 -10.01
N THR B 228 -22.44 26.41 -11.26
CA THR B 228 -23.06 25.33 -12.02
C THR B 228 -22.56 25.38 -13.46
N GLY B 229 -21.60 24.53 -13.80
CA GLY B 229 -21.25 24.36 -15.19
C GLY B 229 -21.01 22.94 -15.65
N HIS B 230 -20.80 22.01 -14.73
CA HIS B 230 -20.42 20.65 -15.08
C HIS B 230 -21.62 19.88 -15.62
N GLU B 231 -21.41 18.60 -15.96
CA GLU B 231 -22.53 17.79 -16.42
C GLU B 231 -22.51 16.37 -15.84
N SER B 232 -21.74 16.13 -14.79
CA SER B 232 -21.79 14.90 -14.01
C SER B 232 -21.20 15.21 -12.64
N ASP B 233 -20.78 14.18 -11.93
CA ASP B 233 -20.38 14.29 -10.55
C ASP B 233 -19.08 15.08 -10.42
N ILE B 234 -18.94 15.77 -9.28
CA ILE B 234 -17.71 16.49 -8.93
C ILE B 234 -17.03 15.71 -7.81
N ASN B 235 -15.80 15.26 -8.06
CA ASN B 235 -15.08 14.43 -7.09
C ASN B 235 -13.97 15.16 -6.35
N ALA B 236 -13.37 16.20 -6.92
CA ALA B 236 -12.27 16.90 -6.28
C ALA B 236 -12.46 18.41 -6.38
N ILE B 237 -11.89 19.14 -5.42
CA ILE B 237 -12.01 20.60 -5.38
C ILE B 237 -10.83 21.15 -4.59
N CYS B 238 -10.39 22.36 -4.96
CA CYS B 238 -9.19 22.97 -4.38
C CYS B 238 -9.16 24.47 -4.64
N PHE B 239 -8.71 25.25 -3.66
CA PHE B 239 -8.37 26.66 -3.85
C PHE B 239 -7.06 26.95 -4.55
N PHE B 240 -7.08 28.04 -5.30
CA PHE B 240 -5.91 28.79 -5.70
C PHE B 240 -5.24 29.36 -4.46
N PRO B 241 -3.91 29.47 -4.44
CA PRO B 241 -3.23 29.98 -3.24
C PRO B 241 -3.66 31.37 -2.84
N ASN B 242 -4.15 32.16 -3.80
CA ASN B 242 -4.59 33.51 -3.53
C ASN B 242 -5.75 33.55 -2.54
N GLY B 243 -6.72 32.65 -2.72
CA GLY B 243 -7.96 32.69 -1.97
C GLY B 243 -9.15 33.25 -2.71
N ASN B 244 -9.03 33.47 -4.03
CA ASN B 244 -10.09 34.05 -4.83
C ASN B 244 -10.48 33.21 -6.05
N ALA B 245 -10.08 31.95 -6.10
CA ALA B 245 -10.49 31.07 -7.19
C ALA B 245 -10.39 29.64 -6.71
N PHE B 246 -11.05 28.74 -7.43
CA PHE B 246 -10.93 27.32 -7.12
C PHE B 246 -11.12 26.49 -8.38
N ALA B 247 -10.66 25.24 -8.32
CA ALA B 247 -10.68 24.32 -9.45
C ALA B 247 -11.42 23.04 -9.10
N THR B 248 -12.19 22.52 -10.05
CA THR B 248 -13.03 21.36 -9.83
C THR B 248 -12.87 20.34 -10.95
N GLY B 249 -12.79 19.07 -10.57
CA GLY B 249 -12.64 17.99 -11.52
C GLY B 249 -13.81 17.02 -11.42
N SER B 250 -14.21 16.47 -12.57
CA SER B 250 -15.45 15.72 -12.68
C SER B 250 -15.24 14.39 -13.38
N ASP B 251 -16.30 13.58 -13.40
CA ASP B 251 -16.37 12.39 -14.23
C ASP B 251 -16.70 12.69 -15.68
N ASP B 252 -16.98 13.93 -16.01
CA ASP B 252 -17.16 14.36 -17.38
C ASP B 252 -15.85 14.36 -18.16
N ALA B 253 -14.72 14.14 -17.49
CA ALA B 253 -13.37 14.24 -18.07
C ALA B 253 -12.99 15.68 -18.37
N THR B 254 -13.33 16.60 -17.47
CA THR B 254 -12.91 17.99 -17.59
C THR B 254 -12.63 18.57 -16.21
N CYS B 255 -11.77 19.59 -16.19
CA CYS B 255 -11.56 20.44 -15.03
C CYS B 255 -12.00 21.85 -15.38
N ARG B 256 -12.37 22.63 -14.36
CA ARG B 256 -12.76 24.00 -14.59
C ARG B 256 -12.22 24.90 -13.48
N LEU B 257 -12.09 26.17 -13.80
CA LEU B 257 -11.62 27.20 -12.89
C LEU B 257 -12.72 28.25 -12.73
N PHE B 258 -13.08 28.55 -11.50
CA PHE B 258 -14.13 29.50 -11.17
C PHE B 258 -13.55 30.68 -10.41
N ASP B 259 -14.22 31.81 -10.49
CA ASP B 259 -13.86 33.02 -9.77
C ASP B 259 -14.97 33.40 -8.79
N LEU B 260 -14.59 33.96 -7.65
CA LEU B 260 -15.56 34.29 -6.61
C LEU B 260 -16.02 35.74 -6.66
N ARG B 261 -15.24 36.61 -7.28
CA ARG B 261 -15.53 38.04 -7.34
C ARG B 261 -16.32 38.42 -8.56
N ALA B 262 -16.21 37.64 -9.64
CA ALA B 262 -17.04 37.80 -10.83
C ALA B 262 -18.13 36.75 -10.91
N ASP B 263 -18.02 35.66 -10.16
CA ASP B 263 -19.09 34.70 -9.94
C ASP B 263 -19.39 33.87 -11.19
N GLN B 264 -18.35 33.44 -11.90
CA GLN B 264 -18.57 32.61 -13.08
C GLN B 264 -17.29 31.85 -13.42
N GLU B 265 -17.30 31.22 -14.58
CA GLU B 265 -16.25 30.32 -15.03
C GLU B 265 -15.31 31.03 -15.98
N LEU B 266 -14.01 30.84 -15.79
CA LEU B 266 -13.02 31.47 -16.63
C LEU B 266 -12.36 30.51 -17.62
N MET B 267 -12.14 29.25 -17.26
CA MET B 267 -11.32 28.40 -18.09
C MET B 267 -11.71 26.94 -17.93
N THR B 268 -11.51 26.16 -18.99
CA THR B 268 -11.80 24.73 -19.03
C THR B 268 -10.61 23.98 -19.59
N TYR B 269 -10.38 22.77 -19.07
CA TYR B 269 -9.18 21.99 -19.34
C TYR B 269 -9.62 20.61 -19.85
N SER B 270 -9.68 20.44 -21.17
CA SER B 270 -10.15 19.21 -21.79
C SER B 270 -9.32 18.89 -23.01
N HIS B 271 -9.31 17.62 -23.38
CA HIS B 271 -8.58 17.15 -24.55
C HIS B 271 -9.23 15.87 -25.06
N ASP B 272 -9.25 15.72 -26.38
CA ASP B 272 -10.11 14.72 -27.01
C ASP B 272 -9.68 13.28 -26.77
N ASN B 273 -8.45 13.05 -26.32
CA ASN B 273 -8.03 11.68 -26.00
C ASN B 273 -8.59 11.21 -24.67
N ILE B 274 -8.68 12.09 -23.68
CA ILE B 274 -9.17 11.69 -22.35
C ILE B 274 -10.65 11.39 -22.43
N ILE B 275 -11.03 10.20 -21.97
CA ILE B 275 -12.43 9.83 -21.83
C ILE B 275 -12.75 9.25 -20.47
N CYS B 276 -11.81 9.29 -19.53
CA CYS B 276 -11.97 8.73 -18.20
C CYS B 276 -12.41 9.82 -17.22
N GLY B 277 -12.35 9.54 -15.93
CA GLY B 277 -12.70 10.50 -14.91
C GLY B 277 -11.49 11.16 -14.27
N ILE B 278 -11.78 12.05 -13.33
CA ILE B 278 -10.76 12.73 -12.53
C ILE B 278 -11.04 12.42 -11.07
N THR B 279 -9.99 12.04 -10.34
CA THR B 279 -10.12 11.66 -8.93
C THR B 279 -9.54 12.68 -7.96
N SER B 280 -8.48 13.40 -8.33
CA SER B 280 -7.83 14.32 -7.41
C SER B 280 -7.28 15.51 -8.16
N VAL B 281 -7.20 16.65 -7.48
CA VAL B 281 -6.80 17.92 -8.07
C VAL B 281 -5.99 18.71 -7.06
N SER B 282 -4.90 19.34 -7.51
CA SER B 282 -4.06 20.16 -6.65
C SER B 282 -3.39 21.25 -7.46
N PHE B 283 -2.87 22.25 -6.77
CA PHE B 283 -2.19 23.40 -7.35
C PHE B 283 -0.72 23.36 -6.93
N SER B 284 0.04 24.32 -7.44
CA SER B 284 1.43 24.52 -7.05
C SER B 284 1.56 25.80 -6.24
N LYS B 285 2.73 25.99 -5.64
CA LYS B 285 2.91 27.08 -4.68
C LYS B 285 2.75 28.43 -5.34
N SER B 286 2.98 28.53 -6.64
CA SER B 286 2.84 29.78 -7.37
C SER B 286 1.49 29.94 -8.02
N GLY B 287 0.69 28.88 -8.11
CA GLY B 287 -0.57 28.95 -8.82
C GLY B 287 -0.46 28.89 -10.32
N ARG B 288 0.62 28.30 -10.84
CA ARG B 288 0.85 28.28 -12.27
C ARG B 288 0.68 26.90 -12.88
N LEU B 289 0.79 25.85 -12.10
CA LEU B 289 0.59 24.49 -12.57
C LEU B 289 -0.60 23.86 -11.85
N LEU B 290 -1.32 23.00 -12.55
CA LEU B 290 -2.44 22.27 -12.00
C LEU B 290 -2.23 20.78 -12.21
N LEU B 291 -2.27 20.02 -11.14
CA LEU B 291 -2.06 18.58 -11.17
C LEU B 291 -3.40 17.88 -11.05
N ALA B 292 -3.62 16.85 -11.87
CA ALA B 292 -4.86 16.10 -11.85
C ALA B 292 -4.60 14.62 -12.05
N GLY B 293 -5.30 13.77 -11.31
CA GLY B 293 -5.11 12.33 -11.38
C GLY B 293 -6.33 11.66 -12.00
N TYR B 294 -6.07 10.68 -12.85
CA TYR B 294 -7.07 10.09 -13.73
C TYR B 294 -7.24 8.60 -13.46
N ASP B 295 -8.34 8.03 -13.95
CA ASP B 295 -8.62 6.60 -13.83
C ASP B 295 -7.80 5.75 -14.77
N ASP B 296 -7.18 6.34 -15.80
CA ASP B 296 -6.36 5.64 -16.77
C ASP B 296 -4.93 5.43 -16.31
N PHE B 297 -4.71 5.43 -14.99
CA PHE B 297 -3.51 5.02 -14.29
C PHE B 297 -2.41 6.07 -14.26
N ASN B 298 -2.61 7.26 -14.82
CA ASN B 298 -1.54 8.25 -14.80
C ASN B 298 -2.10 9.63 -14.48
N CYS B 299 -1.20 10.60 -14.44
CA CYS B 299 -1.42 11.92 -13.90
C CYS B 299 -0.91 12.97 -14.88
N ASN B 300 -1.58 14.11 -14.93
CA ASN B 300 -1.31 15.15 -15.92
C ASN B 300 -1.01 16.49 -15.27
N VAL B 301 -0.12 17.25 -15.89
CA VAL B 301 0.28 18.57 -15.43
C VAL B 301 -0.22 19.59 -16.44
N TRP B 302 -1.10 20.48 -16.00
CA TRP B 302 -1.72 21.48 -16.84
C TRP B 302 -1.13 22.85 -16.56
N ASP B 303 -1.16 23.70 -17.56
CA ASP B 303 -0.88 25.11 -17.39
C ASP B 303 -2.18 25.85 -17.09
N ALA B 304 -2.21 26.57 -15.98
CA ALA B 304 -3.44 27.14 -15.47
C ALA B 304 -3.78 28.48 -16.08
N LEU B 305 -2.97 28.99 -16.98
CA LEU B 305 -3.26 30.27 -17.61
C LEU B 305 -3.44 30.20 -19.12
N LYS B 306 -3.17 29.06 -19.75
CA LYS B 306 -3.28 28.95 -21.19
C LYS B 306 -3.98 27.68 -21.65
N ALA B 307 -4.33 26.78 -20.74
CA ALA B 307 -5.05 25.56 -21.05
C ALA B 307 -4.26 24.68 -22.03
N ASP B 308 -3.05 24.33 -21.62
CA ASP B 308 -2.16 23.52 -22.40
C ASP B 308 -1.53 22.47 -21.50
N ARG B 309 -1.25 21.31 -22.05
CA ARG B 309 -0.63 20.26 -21.29
C ARG B 309 0.86 20.50 -21.24
N ALA B 310 1.45 20.36 -20.05
CA ALA B 310 2.87 20.58 -19.89
C ALA B 310 3.66 19.32 -19.56
N GLY B 311 3.01 18.22 -19.23
CA GLY B 311 3.74 17.00 -18.93
C GLY B 311 2.82 15.92 -18.39
N VAL B 312 3.41 14.75 -18.18
CA VAL B 312 2.72 13.58 -17.67
C VAL B 312 3.56 12.95 -16.57
N LEU B 313 2.91 12.16 -15.72
CA LEU B 313 3.56 11.40 -14.65
C LEU B 313 3.06 9.96 -14.75
N ALA B 314 3.90 9.05 -15.25
CA ALA B 314 3.48 7.71 -15.66
C ALA B 314 4.30 6.66 -14.91
N GLY B 315 3.78 6.18 -13.80
CA GLY B 315 4.49 5.20 -13.01
C GLY B 315 3.66 4.24 -12.21
N HIS B 316 2.35 4.23 -12.41
CA HIS B 316 1.44 3.45 -11.58
C HIS B 316 0.75 2.37 -12.40
N ASP B 317 0.51 1.24 -11.76
CA ASP B 317 -0.06 0.07 -12.40
C ASP B 317 -1.57 -0.05 -12.16
N ASN B 318 -2.18 0.93 -11.51
CA ASN B 318 -3.62 0.91 -11.31
C ASN B 318 -4.11 2.34 -11.13
N ARG B 319 -5.34 2.48 -10.66
CA ARG B 319 -5.98 3.78 -10.53
C ARG B 319 -5.20 4.70 -9.60
N VAL B 320 -5.19 5.99 -9.92
CA VAL B 320 -4.57 7.01 -9.08
C VAL B 320 -5.65 7.68 -8.26
N SER B 321 -5.55 7.56 -6.94
CA SER B 321 -6.65 7.94 -6.04
C SER B 321 -6.40 9.19 -5.20
N CYS B 322 -5.16 9.63 -5.05
CA CYS B 322 -4.89 10.77 -4.17
C CYS B 322 -3.65 11.51 -4.63
N LEU B 323 -3.56 12.78 -4.23
CA LEU B 323 -2.54 13.71 -4.73
C LEU B 323 -2.27 14.74 -3.65
N GLY B 324 -1.08 15.32 -3.67
CA GLY B 324 -0.73 16.31 -2.67
C GLY B 324 0.57 17.05 -2.89
N VAL B 325 0.61 18.33 -2.58
CA VAL B 325 1.79 19.16 -2.77
C VAL B 325 2.21 19.75 -1.43
N THR B 326 3.52 19.73 -1.19
CA THR B 326 4.12 20.20 0.05
C THR B 326 3.95 21.71 0.19
N ASP B 327 3.95 22.20 1.43
CA ASP B 327 3.78 23.62 1.70
C ASP B 327 4.90 24.46 1.09
N ASP B 328 6.12 23.95 1.07
CA ASP B 328 7.22 24.70 0.45
C ASP B 328 7.41 24.38 -1.02
N GLY B 329 6.58 23.51 -1.58
CA GLY B 329 6.61 23.22 -3.00
C GLY B 329 7.84 22.51 -3.52
N MET B 330 8.39 21.59 -2.74
CA MET B 330 9.52 20.80 -3.18
C MET B 330 9.15 19.42 -3.69
N ALA B 331 7.94 18.95 -3.46
CA ALA B 331 7.61 17.60 -3.87
C ALA B 331 6.11 17.48 -4.08
N VAL B 332 5.73 16.40 -4.76
CA VAL B 332 4.35 16.01 -4.96
C VAL B 332 4.23 14.53 -4.64
N ALA B 333 3.11 14.13 -4.05
CA ALA B 333 2.94 12.77 -3.58
C ALA B 333 1.69 12.16 -4.20
N THR B 334 1.82 10.95 -4.72
CA THR B 334 0.70 10.22 -5.32
C THR B 334 0.58 8.84 -4.70
N GLY B 335 -0.66 8.41 -4.50
CA GLY B 335 -0.94 7.07 -4.04
C GLY B 335 -1.96 6.41 -4.95
N SER B 336 -1.89 5.08 -5.02
CA SER B 336 -2.67 4.37 -6.01
C SER B 336 -3.30 3.12 -5.42
N TRP B 337 -4.20 2.53 -6.20
CA TRP B 337 -4.88 1.30 -5.84
C TRP B 337 -3.97 0.08 -5.96
N ASP B 338 -2.75 0.24 -6.44
CA ASP B 338 -1.77 -0.84 -6.50
C ASP B 338 -0.87 -0.89 -5.28
N SER B 339 -1.19 -0.13 -4.24
CA SER B 339 -0.57 -0.26 -2.91
C SER B 339 0.84 0.31 -2.84
N PHE B 340 1.09 1.40 -3.55
CA PHE B 340 2.37 2.09 -3.47
C PHE B 340 2.14 3.60 -3.40
N LEU B 341 3.12 4.32 -2.87
CA LEU B 341 3.16 5.77 -2.93
C LEU B 341 4.48 6.20 -3.56
N LYS B 342 4.46 7.37 -4.20
CA LYS B 342 5.65 7.89 -4.86
C LYS B 342 5.78 9.38 -4.59
N ILE B 343 7.02 9.84 -4.55
CA ILE B 343 7.36 11.26 -4.41
C ILE B 343 8.14 11.70 -5.64
N TRP B 344 7.68 12.76 -6.28
CA TRP B 344 8.30 13.33 -7.47
C TRP B 344 8.83 14.72 -7.16
N ASN B 345 9.77 15.17 -7.98
CA ASN B 345 10.39 16.46 -7.73
C ASN B 345 10.94 17.05 -9.02
N GLN C 11 -40.42 24.12 2.27
CA GLN C 11 -41.26 24.45 1.12
C GLN C 11 -40.42 25.03 -0.02
N ALA C 12 -41.02 25.93 -0.79
CA ALA C 12 -40.32 26.65 -1.84
C ALA C 12 -39.92 28.05 -1.42
N ARG C 13 -40.51 28.57 -0.34
CA ARG C 13 -40.09 29.86 0.19
C ARG C 13 -38.61 29.84 0.54
N LYS C 14 -38.08 28.67 0.91
CA LYS C 14 -36.65 28.56 1.17
C LYS C 14 -35.85 28.84 -0.10
N LEU C 15 -36.24 28.23 -1.22
CA LEU C 15 -35.52 28.46 -2.46
C LEU C 15 -35.61 29.92 -2.89
N VAL C 16 -36.79 30.53 -2.75
CA VAL C 16 -36.91 31.90 -3.20
C VAL C 16 -36.13 32.86 -2.29
N GLU C 17 -36.12 32.60 -0.97
CA GLU C 17 -35.33 33.46 -0.09
C GLU C 17 -33.84 33.32 -0.39
N GLN C 18 -33.37 32.09 -0.64
CA GLN C 18 -31.98 31.88 -0.99
C GLN C 18 -31.61 32.59 -2.29
N LEU C 19 -32.43 32.45 -3.32
CA LEU C 19 -32.13 33.09 -4.59
C LEU C 19 -32.19 34.61 -4.46
N LYS C 20 -33.07 35.13 -3.62
CA LYS C 20 -33.10 36.56 -3.39
C LYS C 20 -31.81 37.05 -2.74
N MET C 21 -31.29 36.28 -1.78
CA MET C 21 -30.03 36.70 -1.17
C MET C 21 -28.85 36.52 -2.11
N GLU C 22 -28.96 35.61 -3.07
CA GLU C 22 -27.86 35.32 -3.99
C GLU C 22 -27.92 36.12 -5.29
N ALA C 23 -29.00 36.86 -5.55
CA ALA C 23 -29.09 37.64 -6.77
C ALA C 23 -28.77 39.11 -6.56
N ASN C 24 -28.39 39.51 -5.35
CA ASN C 24 -28.04 40.91 -5.06
C ASN C 24 -26.69 40.94 -4.34
N ILE C 25 -25.61 40.88 -5.12
CA ILE C 25 -24.26 41.09 -4.64
C ILE C 25 -23.50 41.89 -5.68
N ASP C 26 -22.29 42.31 -5.32
CA ASP C 26 -21.46 43.12 -6.21
C ASP C 26 -20.61 42.22 -7.11
N ARG C 27 -20.55 42.58 -8.39
CA ARG C 27 -19.81 41.84 -9.40
C ARG C 27 -18.79 42.74 -10.06
N ILE C 28 -17.59 42.22 -10.29
CA ILE C 28 -16.57 42.90 -11.06
C ILE C 28 -16.36 42.15 -12.35
N LYS C 29 -15.78 42.83 -13.33
CA LYS C 29 -15.68 42.26 -14.67
C LYS C 29 -14.62 41.17 -14.72
N VAL C 30 -14.70 40.34 -15.75
CA VAL C 30 -13.77 39.23 -15.89
C VAL C 30 -12.35 39.75 -16.11
N SER C 31 -12.21 40.86 -16.82
CA SER C 31 -10.88 41.35 -17.14
C SER C 31 -10.08 41.66 -15.89
N LYS C 32 -10.71 42.30 -14.90
CA LYS C 32 -10.00 42.65 -13.68
C LYS C 32 -9.55 41.40 -12.90
N ALA C 33 -10.43 40.40 -12.78
CA ALA C 33 -10.06 39.18 -12.06
C ALA C 33 -8.93 38.43 -12.76
N ALA C 34 -9.00 38.33 -14.10
CA ALA C 34 -7.93 37.67 -14.83
C ALA C 34 -6.60 38.40 -14.65
N ALA C 35 -6.63 39.73 -14.71
CA ALA C 35 -5.40 40.49 -14.51
C ALA C 35 -4.82 40.26 -13.11
N ASP C 36 -5.68 40.21 -12.09
CA ASP C 36 -5.17 39.97 -10.74
C ASP C 36 -4.51 38.60 -10.61
N LEU C 37 -5.14 37.55 -11.15
CA LEU C 37 -4.53 36.23 -11.07
C LEU C 37 -3.20 36.19 -11.81
N MET C 38 -3.13 36.82 -12.99
CA MET C 38 -1.87 36.85 -13.72
C MET C 38 -0.78 37.57 -12.94
N ALA C 39 -1.13 38.69 -12.30
CA ALA C 39 -0.16 39.40 -11.49
C ALA C 39 0.33 38.56 -10.33
N TYR C 40 -0.56 37.82 -9.67
CA TYR C 40 -0.14 36.94 -8.59
C TYR C 40 0.82 35.88 -9.11
N CYS C 41 0.56 35.33 -10.29
CA CYS C 41 1.46 34.32 -10.84
C CYS C 41 2.82 34.92 -11.16
N GLU C 42 2.85 36.17 -11.61
CA GLU C 42 4.13 36.78 -11.98
C GLU C 42 4.94 37.20 -10.77
N ALA C 43 4.29 37.53 -9.65
CA ALA C 43 5.04 37.96 -8.47
C ALA C 43 5.83 36.81 -7.86
N HIS C 44 5.18 35.66 -7.65
CA HIS C 44 5.79 34.54 -6.96
C HIS C 44 6.42 33.52 -7.90
N ALA C 45 6.87 33.93 -9.08
CA ALA C 45 7.36 32.95 -10.04
C ALA C 45 8.73 32.41 -9.64
N LYS C 46 9.55 33.20 -8.97
CA LYS C 46 10.89 32.79 -8.57
C LYS C 46 10.89 32.14 -7.19
N GLU C 47 9.81 31.47 -6.82
CA GLU C 47 9.73 30.79 -5.53
C GLU C 47 9.08 29.42 -5.63
N ASP C 48 8.74 28.95 -6.83
CA ASP C 48 8.18 27.61 -7.00
C ASP C 48 9.18 26.63 -7.58
N PRO C 49 9.67 25.68 -6.79
CA PRO C 49 10.66 24.72 -7.30
C PRO C 49 10.17 23.81 -8.40
N LEU C 50 8.89 23.43 -8.40
CA LEU C 50 8.41 22.49 -9.41
C LEU C 50 8.33 23.13 -10.78
N LEU C 51 8.37 24.45 -10.87
CA LEU C 51 8.40 25.13 -12.13
C LEU C 51 9.83 25.43 -12.57
N THR C 52 10.60 26.08 -11.70
CA THR C 52 12.01 26.31 -11.95
C THR C 52 12.81 25.29 -11.15
N PRO C 53 13.47 24.33 -11.80
CA PRO C 53 14.12 23.25 -11.04
C PRO C 53 15.22 23.75 -10.12
N VAL C 54 15.40 23.04 -9.01
CA VAL C 54 16.44 23.35 -8.02
C VAL C 54 17.67 22.52 -8.32
N PRO C 55 18.87 22.98 -7.99
CA PRO C 55 20.06 22.16 -8.18
C PRO C 55 20.11 21.00 -7.19
N ALA C 56 21.11 20.14 -7.37
CA ALA C 56 21.27 18.98 -6.53
C ALA C 56 21.77 19.31 -5.12
N SER C 57 22.19 20.55 -4.88
CA SER C 57 22.69 20.93 -3.58
C SER C 57 21.58 21.43 -2.65
N GLU C 58 20.35 21.53 -3.12
CA GLU C 58 19.25 22.03 -2.29
C GLU C 58 17.98 21.19 -2.38
N ASN C 59 18.01 20.06 -3.07
CA ASN C 59 16.87 19.14 -3.04
C ASN C 59 17.00 18.21 -1.85
N PRO C 60 16.08 18.24 -0.89
CA PRO C 60 16.13 17.26 0.19
C PRO C 60 15.91 15.84 -0.27
N PHE C 61 15.34 15.62 -1.45
CA PHE C 61 15.00 14.27 -1.87
C PHE C 61 15.98 13.72 -2.89
N LYS D 29 32.39 -32.61 -44.61
CA LYS D 29 32.16 -31.64 -45.68
C LYS D 29 30.77 -31.81 -46.27
N GLU D 30 29.98 -32.65 -45.61
CA GLU D 30 28.59 -32.88 -45.97
C GLU D 30 27.70 -32.46 -44.82
N THR D 31 28.05 -31.36 -44.18
CA THR D 31 27.27 -30.88 -43.05
C THR D 31 27.11 -29.37 -43.03
N LEU D 32 27.31 -28.67 -44.14
CA LEU D 32 27.20 -27.21 -44.11
C LEU D 32 25.76 -26.77 -43.89
N ILE D 33 24.81 -27.41 -44.57
CA ILE D 33 23.40 -27.05 -44.39
C ILE D 33 22.97 -27.21 -42.93
N PRO D 34 23.30 -28.29 -42.23
CA PRO D 34 22.91 -28.39 -40.82
C PRO D 34 23.39 -27.24 -39.96
N VAL D 35 24.65 -26.84 -40.16
CA VAL D 35 25.20 -25.77 -39.35
C VAL D 35 24.54 -24.43 -39.68
N PHE D 36 24.25 -24.19 -40.95
CA PHE D 36 23.55 -22.95 -41.30
C PHE D 36 22.17 -22.87 -40.65
N LEU D 37 21.43 -23.98 -40.67
CA LEU D 37 20.13 -23.99 -40.00
C LEU D 37 20.28 -23.70 -38.52
N ILE D 38 21.30 -24.28 -37.88
CA ILE D 38 21.49 -24.03 -36.46
C ILE D 38 21.72 -22.55 -36.22
N LEU D 39 22.58 -21.93 -37.04
CA LEU D 39 22.91 -20.52 -36.86
C LEU D 39 21.66 -19.65 -36.97
N PHE D 40 20.83 -19.89 -38.00
CA PHE D 40 19.62 -19.09 -38.16
C PHE D 40 18.65 -19.26 -36.98
N ILE D 41 18.43 -20.52 -36.56
CA ILE D 41 17.47 -20.76 -35.47
C ILE D 41 17.93 -20.07 -34.19
N ALA D 42 19.22 -20.15 -33.89
CA ALA D 42 19.73 -19.52 -32.68
C ALA D 42 19.59 -18.00 -32.76
N LEU D 43 19.86 -17.42 -33.93
CA LEU D 43 19.68 -15.99 -34.08
C LEU D 43 18.25 -15.58 -33.78
N VAL D 44 17.28 -16.38 -34.25
CA VAL D 44 15.88 -16.06 -33.96
C VAL D 44 15.59 -16.20 -32.47
N GLY D 45 16.21 -17.18 -31.80
CA GLY D 45 15.86 -17.46 -30.43
C GLY D 45 16.34 -16.42 -29.42
N LEU D 46 17.59 -15.99 -29.55
CA LEU D 46 18.14 -15.10 -28.52
C LEU D 46 17.35 -13.81 -28.35
N VAL D 47 16.74 -13.30 -29.43
CA VAL D 47 15.97 -12.05 -29.33
C VAL D 47 14.78 -12.24 -28.38
N GLY D 48 14.01 -13.30 -28.60
CA GLY D 48 12.86 -13.55 -27.74
C GLY D 48 13.27 -13.80 -26.31
N ASN D 49 14.34 -14.55 -26.10
CA ASN D 49 14.80 -14.79 -24.73
C ASN D 49 15.16 -13.48 -24.03
N GLY D 50 15.88 -12.60 -24.73
CA GLY D 50 16.27 -11.35 -24.11
C GLY D 50 15.09 -10.45 -23.81
N PHE D 51 14.14 -10.37 -24.73
CA PHE D 51 12.95 -9.56 -24.47
C PHE D 51 12.19 -10.09 -23.27
N VAL D 52 12.05 -11.41 -23.16
CA VAL D 52 11.35 -11.97 -22.01
C VAL D 52 12.09 -11.64 -20.72
N LEU D 53 13.42 -11.74 -20.75
CA LEU D 53 14.20 -11.39 -19.57
C LEU D 53 13.95 -9.95 -19.17
N TRP D 54 13.95 -9.04 -20.15
CA TRP D 54 13.77 -7.62 -19.84
C TRP D 54 12.39 -7.36 -19.26
N LEU D 55 11.36 -7.95 -19.86
CA LEU D 55 10.00 -7.70 -19.37
C LEU D 55 9.78 -8.27 -17.98
N LEU D 56 10.13 -9.53 -17.76
CA LEU D 56 9.82 -10.14 -16.48
C LEU D 56 10.82 -9.80 -15.40
N GLY D 57 11.92 -9.14 -15.73
CA GLY D 57 12.87 -8.77 -14.70
C GLY D 57 12.68 -7.35 -14.20
N PHE D 58 12.23 -6.46 -15.08
CA PHE D 58 12.06 -5.06 -14.74
C PHE D 58 10.62 -4.58 -14.85
N ARG D 59 9.95 -4.83 -15.97
CA ARG D 59 8.68 -4.16 -16.25
C ARG D 59 7.52 -4.75 -15.46
N MET D 60 7.21 -6.02 -15.69
CA MET D 60 5.99 -6.61 -15.16
C MET D 60 6.18 -7.01 -13.69
N ARG D 61 5.09 -7.46 -13.07
CA ARG D 61 5.12 -8.02 -11.73
C ARG D 61 5.45 -9.51 -11.83
N ARG D 62 5.32 -10.23 -10.73
CA ARG D 62 5.72 -11.64 -10.68
C ARG D 62 4.78 -12.44 -9.80
N ASN D 63 4.02 -13.33 -10.41
CA ASN D 63 3.27 -14.36 -9.72
C ASN D 63 4.10 -15.64 -9.66
N ALA D 64 3.49 -16.73 -9.21
CA ALA D 64 4.22 -17.97 -9.06
C ALA D 64 4.44 -18.71 -10.38
N PHE D 65 3.85 -18.22 -11.46
CA PHE D 65 4.07 -18.74 -12.81
C PHE D 65 5.19 -18.03 -13.54
N SER D 66 5.45 -16.77 -13.19
CA SER D 66 6.47 -16.00 -13.89
C SER D 66 7.87 -16.39 -13.46
N VAL D 67 8.03 -16.85 -12.22
CA VAL D 67 9.35 -17.26 -11.73
C VAL D 67 9.92 -18.38 -12.58
N TYR D 68 9.12 -19.41 -12.81
CA TYR D 68 9.58 -20.55 -13.59
C TYR D 68 9.85 -20.16 -15.03
N VAL D 69 9.02 -19.29 -15.61
CA VAL D 69 9.25 -18.85 -16.98
C VAL D 69 10.58 -18.11 -17.09
N LEU D 70 10.88 -17.27 -16.10
CA LEU D 70 12.14 -16.53 -16.13
C LEU D 70 13.34 -17.46 -16.03
N SER D 71 13.29 -18.44 -15.13
CA SER D 71 14.38 -19.41 -15.04
C SER D 71 14.56 -20.19 -16.35
N LEU D 72 13.46 -20.64 -16.95
CA LEU D 72 13.53 -21.35 -18.22
C LEU D 72 14.14 -20.48 -19.32
N ALA D 73 13.78 -19.19 -19.35
CA ALA D 73 14.32 -18.30 -20.36
C ALA D 73 15.83 -18.13 -20.19
N GLY D 74 16.30 -18.02 -18.95
CA GLY D 74 17.74 -17.96 -18.72
C GLY D 74 18.46 -19.20 -19.25
N ALA D 75 17.95 -20.38 -18.92
CA ALA D 75 18.60 -21.61 -19.37
C ALA D 75 18.63 -21.70 -20.88
N ASP D 76 17.53 -21.34 -21.52
CA ASP D 76 17.45 -21.33 -22.98
C ASP D 76 18.48 -20.39 -23.58
N PHE D 77 18.62 -19.19 -23.00
CA PHE D 77 19.58 -18.22 -23.51
C PHE D 77 21.00 -18.78 -23.49
N LEU D 78 21.38 -19.37 -22.36
CA LEU D 78 22.74 -19.90 -22.25
C LEU D 78 22.99 -20.98 -23.29
N PHE D 79 22.05 -21.91 -23.42
CA PHE D 79 22.24 -23.01 -24.36
C PHE D 79 22.41 -22.48 -25.77
N LEU D 80 21.59 -21.50 -26.15
CA LEU D 80 21.65 -21.02 -27.52
C LEU D 80 22.93 -20.26 -27.81
N CYS D 81 23.44 -19.52 -26.82
CA CYS D 81 24.72 -18.85 -27.03
C CYS D 81 25.83 -19.86 -27.29
N PHE D 82 25.87 -20.96 -26.54
CA PHE D 82 26.97 -21.91 -26.77
C PHE D 82 26.81 -22.68 -28.07
N GLN D 83 25.57 -22.92 -28.50
CA GLN D 83 25.40 -23.48 -29.83
C GLN D 83 25.93 -22.52 -30.89
N ILE D 84 25.69 -21.22 -30.70
CA ILE D 84 26.22 -20.20 -31.62
C ILE D 84 27.75 -20.27 -31.67
N ILE D 85 28.38 -20.36 -30.49
CA ILE D 85 29.84 -20.30 -30.47
C ILE D 85 30.43 -21.52 -31.16
N ASN D 86 29.83 -22.70 -30.98
CA ASN D 86 30.35 -23.88 -31.67
C ASN D 86 30.14 -23.78 -33.17
N CYS D 87 28.98 -23.26 -33.60
CA CYS D 87 28.76 -22.97 -35.01
C CYS D 87 29.87 -22.10 -35.57
N LEU D 88 30.21 -21.02 -34.86
CA LEU D 88 31.20 -20.08 -35.37
C LEU D 88 32.59 -20.69 -35.44
N VAL D 89 33.00 -21.44 -34.42
CA VAL D 89 34.28 -22.11 -34.48
C VAL D 89 34.34 -23.01 -35.70
N TYR D 90 33.26 -23.75 -35.97
CA TYR D 90 33.29 -24.65 -37.10
C TYR D 90 33.42 -23.91 -38.42
N LEU D 91 32.57 -22.90 -38.63
CA LEU D 91 32.62 -22.18 -39.90
C LEU D 91 33.98 -21.51 -40.10
N SER D 92 34.55 -20.93 -39.04
CA SER D 92 35.84 -20.27 -39.18
C SER D 92 36.95 -21.27 -39.49
N ASN D 93 37.06 -22.33 -38.69
CA ASN D 93 38.13 -23.29 -38.89
C ASN D 93 37.96 -24.12 -40.16
N PHE D 94 36.80 -24.05 -40.81
CA PHE D 94 36.67 -24.70 -42.11
C PHE D 94 36.83 -23.74 -43.28
N PHE D 95 35.98 -22.71 -43.37
CA PHE D 95 36.04 -21.80 -44.50
C PHE D 95 37.37 -21.05 -44.57
N CYS D 96 38.08 -20.93 -43.46
CA CYS D 96 39.42 -20.37 -43.43
C CYS D 96 40.38 -21.39 -42.86
N SER D 97 41.66 -21.28 -43.23
CA SER D 97 42.65 -22.23 -42.76
C SER D 97 42.87 -22.12 -41.26
N ILE D 98 42.76 -20.92 -40.70
CA ILE D 98 43.04 -20.71 -39.28
C ILE D 98 42.00 -21.45 -38.44
N SER D 99 42.48 -22.21 -37.46
CA SER D 99 41.62 -22.99 -36.59
C SER D 99 41.91 -22.65 -35.14
N ILE D 100 40.88 -22.77 -34.31
CA ILE D 100 40.97 -22.41 -32.90
C ILE D 100 40.45 -23.57 -32.06
N ASN D 101 40.85 -23.57 -30.79
CA ASN D 101 40.44 -24.61 -29.84
C ASN D 101 39.81 -23.94 -28.63
N PHE D 102 38.66 -24.44 -28.22
CA PHE D 102 37.93 -23.93 -27.07
C PHE D 102 37.93 -24.96 -25.95
N PRO D 103 38.19 -24.55 -24.72
CA PRO D 103 38.27 -25.53 -23.62
C PRO D 103 36.95 -26.23 -23.37
N SER D 104 37.02 -27.32 -22.60
CA SER D 104 35.90 -28.23 -22.43
C SER D 104 34.95 -27.82 -21.29
N PHE D 105 35.38 -26.85 -20.49
CA PHE D 105 34.48 -26.17 -19.58
C PHE D 105 33.18 -25.82 -20.29
N PHE D 106 33.28 -25.50 -21.58
CA PHE D 106 32.09 -25.10 -22.34
C PHE D 106 31.10 -26.25 -22.50
N THR D 107 31.59 -27.45 -22.79
CA THR D 107 30.67 -28.58 -22.89
C THR D 107 29.98 -28.83 -21.57
N THR D 108 30.70 -28.69 -20.46
CA THR D 108 30.02 -28.91 -19.18
C THR D 108 28.93 -27.86 -18.95
N VAL D 109 29.20 -26.60 -19.29
CA VAL D 109 28.18 -25.57 -19.08
C VAL D 109 26.95 -25.82 -19.97
N MET D 110 27.17 -26.28 -21.22
CA MET D 110 26.05 -26.62 -22.09
C MET D 110 25.19 -27.71 -21.48
N THR D 111 25.83 -28.75 -20.95
CA THR D 111 25.08 -29.81 -20.30
C THR D 111 24.21 -29.27 -19.16
N CYS D 112 24.79 -28.40 -18.32
CA CYS D 112 24.01 -27.88 -17.20
C CYS D 112 22.80 -27.10 -17.67
N ALA D 113 22.98 -26.27 -18.70
CA ALA D 113 21.84 -25.51 -19.22
C ALA D 113 20.75 -26.43 -19.75
N TYR D 114 21.14 -27.47 -20.50
CA TYR D 114 20.16 -28.37 -21.08
C TYR D 114 19.32 -29.03 -20.00
N LEU D 115 19.97 -29.56 -18.96
CA LEU D 115 19.23 -30.25 -17.92
C LEU D 115 18.30 -29.32 -17.14
N ALA D 116 18.76 -28.12 -16.80
CA ALA D 116 17.90 -27.19 -16.07
C ALA D 116 16.68 -26.79 -16.90
N GLY D 117 16.89 -26.55 -18.19
CA GLY D 117 15.78 -26.22 -19.05
C GLY D 117 14.77 -27.32 -19.18
N LEU D 118 15.20 -28.59 -19.14
CA LEU D 118 14.20 -29.66 -19.17
C LEU D 118 13.49 -29.83 -17.83
N SER D 119 14.15 -29.57 -16.72
CA SER D 119 13.47 -29.79 -15.45
C SER D 119 12.43 -28.70 -15.12
N MET D 120 12.61 -27.49 -15.65
CA MET D 120 11.61 -26.45 -15.37
C MET D 120 10.26 -26.74 -16.01
N LEU D 121 10.24 -27.41 -17.16
CA LEU D 121 8.97 -27.79 -17.79
C LEU D 121 8.17 -28.76 -16.93
N SER D 122 8.84 -29.78 -16.37
CA SER D 122 8.15 -30.69 -15.48
C SER D 122 7.61 -29.98 -14.25
N THR D 123 8.41 -29.06 -13.69
CA THR D 123 7.89 -28.31 -12.55
C THR D 123 6.63 -27.53 -12.89
N VAL D 124 6.59 -26.89 -14.06
CA VAL D 124 5.40 -26.13 -14.44
C VAL D 124 4.18 -27.05 -14.56
N SER D 125 4.36 -28.21 -15.18
CA SER D 125 3.23 -29.12 -15.34
C SER D 125 2.67 -29.56 -13.99
N THR D 126 3.55 -29.93 -13.06
CA THR D 126 3.08 -30.32 -11.72
C THR D 126 2.35 -29.17 -11.02
N GLU D 127 2.86 -27.95 -11.14
CA GLU D 127 2.19 -26.83 -10.46
C GLU D 127 0.80 -26.60 -11.01
N ARG D 128 0.63 -26.68 -12.33
CA ARG D 128 -0.71 -26.59 -12.92
C ARG D 128 -1.64 -27.65 -12.36
N CYS D 129 -1.16 -28.89 -12.30
CA CYS D 129 -2.01 -29.97 -11.81
C CYS D 129 -2.44 -29.73 -10.37
N LEU D 130 -1.53 -29.26 -9.52
CA LEU D 130 -1.91 -28.97 -8.15
C LEU D 130 -2.92 -27.83 -8.06
N SER D 131 -2.76 -26.79 -8.88
CA SER D 131 -3.68 -25.66 -8.82
C SER D 131 -5.11 -26.07 -9.18
N VAL D 132 -5.27 -26.93 -10.18
CA VAL D 132 -6.60 -27.41 -10.50
C VAL D 132 -7.14 -28.38 -9.46
N LEU D 133 -6.30 -29.29 -8.96
CA LEU D 133 -6.79 -30.31 -8.04
C LEU D 133 -7.18 -29.74 -6.68
N TRP D 134 -6.34 -28.88 -6.10
CA TRP D 134 -6.59 -28.28 -4.79
C TRP D 134 -6.54 -26.77 -4.94
N PRO D 135 -7.64 -26.14 -5.38
CA PRO D 135 -7.58 -24.72 -5.71
C PRO D 135 -7.53 -23.78 -4.52
N ILE D 136 -8.33 -24.03 -3.48
CA ILE D 136 -8.35 -23.13 -2.33
C ILE D 136 -7.02 -23.18 -1.60
N TRP D 137 -6.43 -24.36 -1.46
CA TRP D 137 -5.11 -24.45 -0.83
C TRP D 137 -4.08 -23.67 -1.62
N TYR D 138 -4.12 -23.77 -2.95
CA TYR D 138 -3.16 -23.06 -3.78
C TYR D 138 -3.34 -21.54 -3.68
N ARG D 139 -4.56 -21.08 -3.55
CA ARG D 139 -4.81 -19.64 -3.51
C ARG D 139 -4.65 -19.03 -2.13
N CYS D 140 -4.71 -19.82 -1.07
CA CYS D 140 -4.84 -19.27 0.28
C CYS D 140 -3.78 -19.73 1.27
N ARG D 141 -3.24 -20.94 1.16
CA ARG D 141 -2.34 -21.50 2.16
C ARG D 141 -1.02 -21.97 1.57
N ARG D 142 -0.39 -21.18 0.73
CA ARG D 142 0.84 -21.59 0.10
C ARG D 142 1.95 -20.60 0.44
N PRO D 143 3.16 -21.06 0.72
CA PRO D 143 4.27 -20.14 0.96
C PRO D 143 4.53 -19.28 -0.27
N ARG D 144 4.98 -18.06 -0.03
CA ARG D 144 5.16 -17.08 -1.10
C ARG D 144 6.53 -17.13 -1.75
N HIS D 145 7.41 -18.06 -1.36
CA HIS D 145 8.73 -18.15 -1.94
C HIS D 145 9.08 -19.56 -2.40
N LEU D 146 8.10 -20.47 -2.43
CA LEU D 146 8.36 -21.84 -2.83
C LEU D 146 8.90 -21.91 -4.25
N SER D 147 8.51 -20.95 -5.10
CA SER D 147 8.99 -20.95 -6.48
C SER D 147 10.50 -20.74 -6.54
N ALA D 148 10.98 -19.70 -5.88
CA ALA D 148 12.42 -19.44 -5.85
C ALA D 148 13.16 -20.58 -5.18
N VAL D 149 12.62 -21.11 -4.09
CA VAL D 149 13.28 -22.22 -3.41
C VAL D 149 13.47 -23.39 -4.37
N VAL D 150 12.41 -23.76 -5.09
CA VAL D 150 12.50 -24.93 -5.97
C VAL D 150 13.43 -24.66 -7.14
N CYS D 151 13.38 -23.45 -7.72
CA CYS D 151 14.27 -23.14 -8.82
C CYS D 151 15.72 -23.29 -8.41
N VAL D 152 16.10 -22.72 -7.26
CA VAL D 152 17.48 -22.79 -6.82
C VAL D 152 17.89 -24.24 -6.60
N LEU D 153 17.03 -25.03 -5.94
CA LEU D 153 17.42 -26.40 -5.63
C LEU D 153 17.61 -27.23 -6.89
N LEU D 154 16.74 -27.06 -7.88
CA LEU D 154 16.89 -27.84 -9.11
C LEU D 154 18.14 -27.42 -9.88
N TRP D 155 18.42 -26.11 -9.95
CA TRP D 155 19.66 -25.66 -10.55
C TRP D 155 20.86 -26.30 -9.87
N ALA D 156 20.82 -26.38 -8.54
CA ALA D 156 21.94 -26.91 -7.78
C ALA D 156 22.18 -28.38 -8.11
N LEU D 157 21.11 -29.18 -8.13
CA LEU D 157 21.29 -30.59 -8.46
C LEU D 157 21.81 -30.76 -9.88
N SER D 158 21.28 -29.97 -10.82
CA SER D 158 21.75 -30.08 -12.19
C SER D 158 23.24 -29.77 -12.30
N LEU D 159 23.68 -28.67 -11.67
CA LEU D 159 25.09 -28.28 -11.75
C LEU D 159 25.99 -29.32 -11.08
N LEU D 160 25.53 -29.88 -9.96
CA LEU D 160 26.31 -30.92 -9.29
C LEU D 160 26.56 -32.10 -10.22
N LEU D 161 25.49 -32.61 -10.83
CA LEU D 161 25.68 -33.78 -11.69
C LEU D 161 26.51 -33.42 -12.92
N SER D 162 26.34 -32.20 -13.43
CA SER D 162 27.11 -31.80 -14.60
C SER D 162 28.62 -31.79 -14.31
N ILE D 163 29.03 -31.17 -13.21
CA ILE D 163 30.47 -31.16 -12.89
C ILE D 163 30.97 -32.56 -12.58
N LEU D 164 30.22 -33.33 -11.78
CA LEU D 164 30.68 -34.67 -11.45
C LEU D 164 30.90 -35.50 -12.70
N GLU D 165 30.11 -35.27 -13.75
CA GLU D 165 30.41 -35.96 -15.00
C GLU D 165 31.60 -35.33 -15.72
N GLY D 166 31.70 -34.01 -15.65
CA GLY D 166 32.78 -33.33 -16.35
C GLY D 166 34.16 -33.78 -15.91
N LYS D 167 34.32 -34.05 -14.61
CA LYS D 167 35.60 -34.52 -14.11
C LYS D 167 35.82 -35.99 -14.47
N PHE D 168 35.01 -36.88 -13.91
CA PHE D 168 35.20 -38.32 -14.04
C PHE D 168 35.04 -38.84 -15.45
N CYS D 169 34.90 -38.07 -16.52
CA CYS D 169 34.95 -38.60 -17.86
C CYS D 169 35.95 -37.89 -18.74
N GLY D 170 36.71 -36.94 -18.20
CA GLY D 170 37.81 -36.36 -18.92
C GLY D 170 37.58 -34.98 -19.47
N PHE D 171 36.38 -34.45 -19.37
CA PHE D 171 36.14 -33.14 -19.95
C PHE D 171 36.80 -32.04 -19.14
N LEU D 172 37.03 -32.27 -17.85
CA LEU D 172 37.75 -31.30 -17.06
C LEU D 172 39.24 -31.63 -17.07
N PHE D 173 40.03 -30.93 -16.25
CA PHE D 173 41.48 -31.09 -16.22
C PHE D 173 41.83 -32.37 -15.45
N SER D 174 41.87 -33.48 -16.17
CA SER D 174 42.24 -34.78 -15.65
C SER D 174 42.15 -35.78 -16.80
N ASP D 175 42.56 -37.01 -16.51
CA ASP D 175 42.36 -38.15 -17.41
C ASP D 175 41.28 -39.04 -16.82
N GLY D 176 40.32 -39.44 -17.64
CA GLY D 176 39.15 -40.12 -17.15
C GLY D 176 39.37 -41.60 -16.90
N ASP D 177 38.32 -42.23 -16.40
CA ASP D 177 38.26 -43.66 -16.23
C ASP D 177 36.92 -44.16 -16.76
N SER D 178 36.90 -45.40 -17.24
CA SER D 178 35.74 -45.90 -17.97
C SER D 178 34.51 -46.05 -17.08
N GLY D 179 34.68 -46.68 -15.92
CA GLY D 179 33.53 -47.02 -15.10
C GLY D 179 32.78 -45.79 -14.60
N TRP D 180 33.52 -44.76 -14.17
CA TRP D 180 32.87 -43.55 -13.68
C TRP D 180 32.07 -42.88 -14.77
N CYS D 181 32.64 -42.77 -15.97
CA CYS D 181 31.92 -42.15 -17.06
C CYS D 181 30.65 -42.91 -17.39
N GLN D 182 30.73 -44.24 -17.47
CA GLN D 182 29.54 -45.01 -17.79
C GLN D 182 28.48 -44.86 -16.70
N THR D 183 28.89 -44.92 -15.44
CA THR D 183 27.92 -44.85 -14.36
C THR D 183 27.18 -43.51 -14.38
N PHE D 184 27.93 -42.41 -14.48
CA PHE D 184 27.28 -41.11 -14.51
C PHE D 184 26.36 -40.96 -15.72
N ASP D 185 26.78 -41.41 -16.90
CA ASP D 185 25.92 -41.26 -18.06
C ASP D 185 24.61 -42.02 -17.88
N PHE D 186 24.69 -43.25 -17.37
CA PHE D 186 23.46 -44.01 -17.23
C PHE D 186 22.52 -43.40 -16.20
N ILE D 187 23.05 -42.88 -15.09
CA ILE D 187 22.14 -42.27 -14.13
C ILE D 187 21.50 -41.01 -14.71
N THR D 188 22.22 -40.25 -15.55
CA THR D 188 21.60 -39.09 -16.16
C THR D 188 20.47 -39.48 -17.12
N ALA D 189 20.65 -40.56 -17.87
CA ALA D 189 19.56 -41.03 -18.72
C ALA D 189 18.33 -41.43 -17.90
N ALA D 190 18.55 -42.09 -16.77
CA ALA D 190 17.43 -42.42 -15.89
C ALA D 190 16.70 -41.17 -15.40
N TRP D 191 17.46 -40.14 -15.02
CA TRP D 191 16.87 -38.87 -14.60
C TRP D 191 15.97 -38.28 -15.69
N LEU D 192 16.42 -38.33 -16.95
CA LEU D 192 15.60 -37.78 -18.03
C LEU D 192 14.30 -38.56 -18.22
N ILE D 193 14.37 -39.88 -18.18
CA ILE D 193 13.13 -40.65 -18.29
C ILE D 193 12.17 -40.33 -17.15
N PHE D 194 12.71 -40.10 -15.95
CA PHE D 194 11.85 -39.75 -14.83
C PHE D 194 11.12 -38.44 -15.08
N LEU D 195 11.82 -37.46 -15.65
CA LEU D 195 11.15 -36.19 -15.96
C LEU D 195 9.99 -36.40 -16.92
N PHE D 196 10.19 -37.25 -17.93
CA PHE D 196 9.10 -37.50 -18.85
C PHE D 196 7.90 -38.14 -18.17
N MET D 197 8.16 -39.10 -17.28
CA MET D 197 7.07 -39.74 -16.57
C MET D 197 6.27 -38.74 -15.74
N VAL D 198 6.96 -37.82 -15.05
CA VAL D 198 6.26 -36.82 -14.25
C VAL D 198 5.38 -35.95 -15.14
N LEU D 199 5.92 -35.48 -16.27
CA LEU D 199 5.13 -34.64 -17.17
C LEU D 199 3.85 -35.34 -17.59
N CYS D 200 3.97 -36.58 -18.08
CA CYS D 200 2.80 -37.29 -18.58
C CYS D 200 1.77 -37.52 -17.48
N GLY D 201 2.21 -37.94 -16.30
CA GLY D 201 1.27 -38.24 -15.24
C GLY D 201 0.49 -37.03 -14.79
N SER D 202 1.17 -35.90 -14.56
CA SER D 202 0.48 -34.71 -14.11
C SER D 202 -0.51 -34.22 -15.16
N SER D 203 -0.13 -34.22 -16.44
CA SER D 203 -1.06 -33.74 -17.47
C SER D 203 -2.28 -34.65 -17.57
N LEU D 204 -2.08 -35.96 -17.47
CA LEU D 204 -3.19 -36.90 -17.41
C LEU D 204 -4.15 -36.56 -16.28
N ALA D 205 -3.64 -36.35 -15.07
CA ALA D 205 -4.52 -36.10 -13.93
C ALA D 205 -5.32 -34.82 -14.12
N LEU D 206 -4.67 -33.76 -14.63
CA LEU D 206 -5.39 -32.53 -14.88
C LEU D 206 -6.53 -32.74 -15.86
N LEU D 207 -6.26 -33.45 -16.95
CA LEU D 207 -7.26 -33.58 -17.99
C LEU D 207 -8.43 -34.44 -17.53
N VAL D 208 -8.14 -35.52 -16.80
CA VAL D 208 -9.21 -36.33 -16.21
C VAL D 208 -10.08 -35.51 -15.28
N ARG D 209 -9.47 -34.74 -14.39
CA ARG D 209 -10.27 -33.98 -13.43
C ARG D 209 -11.14 -32.93 -14.11
N ILE D 210 -10.61 -32.27 -15.15
CA ILE D 210 -11.43 -31.30 -15.86
C ILE D 210 -12.56 -31.97 -16.63
N LEU D 211 -12.32 -33.16 -17.19
CA LEU D 211 -13.41 -33.86 -17.86
C LEU D 211 -14.52 -34.25 -16.89
N CYS D 212 -14.18 -34.91 -15.79
CA CYS D 212 -15.20 -35.41 -14.87
C CYS D 212 -15.72 -34.30 -13.96
N GLY D 213 -16.23 -33.25 -14.60
CA GLY D 213 -16.76 -32.10 -13.88
C GLY D 213 -17.39 -31.06 -14.78
N LEU D 219 -13.02 -25.32 -23.28
CA LEU D 219 -12.62 -26.72 -23.14
C LEU D 219 -11.77 -27.21 -24.31
N THR D 220 -11.57 -26.37 -25.32
CA THR D 220 -10.71 -26.69 -26.44
C THR D 220 -9.31 -26.10 -26.28
N ARG D 221 -9.23 -24.89 -25.75
CA ARG D 221 -7.94 -24.21 -25.65
C ARG D 221 -6.96 -24.99 -24.80
N LEU D 222 -7.42 -25.55 -23.68
CA LEU D 222 -6.50 -26.27 -22.83
C LEU D 222 -6.15 -27.64 -23.37
N TYR D 223 -7.06 -28.27 -24.14
CA TYR D 223 -6.69 -29.51 -24.79
C TYR D 223 -5.55 -29.27 -25.77
N LEU D 224 -5.64 -28.20 -26.55
CA LEU D 224 -4.54 -27.85 -27.43
C LEU D 224 -3.27 -27.55 -26.66
N THR D 225 -3.36 -26.80 -25.55
CA THR D 225 -2.16 -26.50 -24.77
C THR D 225 -1.47 -27.77 -24.29
N ILE D 226 -2.24 -28.71 -23.72
CA ILE D 226 -1.62 -29.90 -23.12
C ILE D 226 -1.01 -30.79 -24.19
N LEU D 227 -1.74 -31.04 -25.28
CA LEU D 227 -1.19 -31.87 -26.35
C LEU D 227 0.08 -31.26 -26.93
N LEU D 228 0.05 -29.94 -27.19
CA LEU D 228 1.23 -29.28 -27.72
C LEU D 228 2.42 -29.40 -26.79
N THR D 229 2.21 -29.22 -25.49
CA THR D 229 3.31 -29.29 -24.54
C THR D 229 3.95 -30.67 -24.53
N VAL D 230 3.15 -31.73 -24.40
CA VAL D 230 3.76 -33.06 -24.33
C VAL D 230 4.47 -33.42 -25.63
N LEU D 231 3.84 -33.14 -26.77
CA LEU D 231 4.47 -33.51 -28.04
C LEU D 231 5.76 -32.76 -28.29
N VAL D 232 5.77 -31.44 -28.05
CA VAL D 232 6.98 -30.66 -28.26
C VAL D 232 8.09 -31.14 -27.34
N PHE D 233 7.79 -31.39 -26.07
CA PHE D 233 8.83 -31.92 -25.18
C PHE D 233 9.41 -33.19 -25.75
N LEU D 234 8.57 -34.16 -26.07
CA LEU D 234 9.11 -35.44 -26.52
C LEU D 234 9.99 -35.25 -27.75
N LEU D 235 9.35 -34.88 -28.87
CA LEU D 235 9.98 -34.83 -30.18
C LEU D 235 10.86 -33.61 -30.42
N CYS D 236 11.17 -32.81 -29.41
CA CYS D 236 12.18 -31.79 -29.61
C CYS D 236 13.10 -31.58 -28.43
N GLY D 237 12.91 -32.28 -27.32
CA GLY D 237 13.89 -32.26 -26.26
C GLY D 237 14.59 -33.58 -26.04
N LEU D 238 13.89 -34.70 -26.13
CA LEU D 238 14.62 -35.89 -25.71
C LEU D 238 15.66 -36.44 -26.70
N PRO D 239 15.55 -36.19 -28.01
CA PRO D 239 16.56 -36.73 -28.94
C PRO D 239 18.01 -36.49 -28.55
N PHE D 240 18.39 -35.24 -28.29
CA PHE D 240 19.79 -34.98 -28.00
C PHE D 240 20.24 -35.74 -26.76
N GLY D 241 19.42 -35.77 -25.72
CA GLY D 241 19.84 -36.43 -24.49
C GLY D 241 20.04 -37.91 -24.67
N ILE D 242 19.08 -38.57 -25.31
CA ILE D 242 19.20 -40.01 -25.51
C ILE D 242 20.42 -40.31 -26.37
N GLN D 243 20.60 -39.59 -27.47
CA GLN D 243 21.71 -39.86 -28.36
C GLN D 243 23.06 -39.62 -27.69
N TRP D 244 23.18 -38.56 -26.92
CA TRP D 244 24.44 -38.20 -26.29
C TRP D 244 24.79 -39.08 -25.10
N PHE D 245 23.81 -39.63 -24.39
CA PHE D 245 24.11 -40.34 -23.15
C PHE D 245 23.98 -41.86 -23.22
N LEU D 246 23.17 -42.43 -24.12
CA LEU D 246 23.01 -43.88 -24.16
C LEU D 246 23.47 -44.52 -25.45
N ILE D 247 23.02 -44.01 -26.58
CA ILE D 247 23.16 -44.75 -27.84
C ILE D 247 24.61 -44.95 -28.21
N LEU D 248 25.44 -43.91 -28.11
CA LEU D 248 26.83 -44.07 -28.51
C LEU D 248 27.56 -45.08 -27.63
N TRP D 249 27.04 -45.37 -26.45
CA TRP D 249 27.61 -46.43 -25.64
C TRP D 249 27.10 -47.80 -26.07
N ILE D 250 25.79 -47.99 -26.09
CA ILE D 250 25.25 -49.32 -26.39
C ILE D 250 25.57 -49.72 -27.81
N TRP D 251 25.00 -49.04 -28.79
CA TRP D 251 25.30 -49.35 -30.18
C TRP D 251 26.68 -48.87 -30.56
N ASP D 255 30.92 -45.62 -37.29
CA ASP D 255 30.90 -44.18 -37.54
C ASP D 255 29.82 -43.81 -38.53
N VAL D 256 29.00 -44.80 -38.90
CA VAL D 256 27.85 -44.55 -39.77
C VAL D 256 26.67 -43.99 -39.01
N LEU D 257 26.76 -43.89 -37.69
CA LEU D 257 25.71 -43.33 -36.86
C LEU D 257 25.99 -41.89 -36.45
N PHE D 258 27.13 -41.66 -35.79
CA PHE D 258 27.41 -40.39 -35.15
C PHE D 258 27.36 -39.24 -36.15
N CYS D 259 28.08 -39.36 -37.25
CA CYS D 259 28.22 -38.28 -38.22
C CYS D 259 26.91 -37.98 -38.95
N HIS D 260 25.89 -38.81 -38.80
CA HIS D 260 24.61 -38.54 -39.42
C HIS D 260 23.50 -38.23 -38.44
N ILE D 261 23.64 -38.56 -37.15
CA ILE D 261 22.57 -38.32 -36.20
C ILE D 261 22.85 -37.20 -35.22
N HIS D 262 24.12 -36.84 -34.98
CA HIS D 262 24.38 -35.75 -34.05
C HIS D 262 23.81 -34.41 -34.53
N PRO D 263 24.04 -33.96 -35.77
CA PRO D 263 23.56 -32.62 -36.15
C PRO D 263 22.05 -32.50 -36.21
N VAL D 264 21.34 -33.55 -36.64
CA VAL D 264 19.87 -33.45 -36.66
C VAL D 264 19.33 -33.26 -35.26
N SER D 265 19.90 -33.99 -34.31
CA SER D 265 19.48 -33.84 -32.92
C SER D 265 19.75 -32.45 -32.40
N VAL D 266 20.93 -31.89 -32.68
CA VAL D 266 21.18 -30.56 -32.15
C VAL D 266 20.28 -29.53 -32.81
N VAL D 267 19.95 -29.74 -34.07
CA VAL D 267 18.98 -28.87 -34.74
C VAL D 267 17.65 -28.87 -33.99
N LEU D 268 17.15 -30.06 -33.68
CA LEU D 268 15.82 -30.13 -33.07
C LEU D 268 15.82 -29.57 -31.65
N SER D 269 16.91 -29.78 -30.90
CA SER D 269 16.99 -29.20 -29.57
C SER D 269 17.02 -27.67 -29.62
N SER D 270 17.77 -27.10 -30.55
CA SER D 270 17.74 -25.65 -30.72
C SER D 270 16.34 -25.17 -31.02
N LEU D 271 15.61 -25.90 -31.86
CA LEU D 271 14.25 -25.50 -32.20
C LEU D 271 13.35 -25.50 -30.96
N ASN D 272 13.46 -26.53 -30.13
CA ASN D 272 12.67 -26.56 -28.89
C ASN D 272 12.97 -25.34 -28.03
N SER D 273 14.24 -25.08 -27.80
CA SER D 273 14.60 -23.99 -26.89
C SER D 273 14.19 -22.64 -27.45
N SER D 274 14.22 -22.47 -28.76
CA SER D 274 13.78 -21.19 -29.32
C SER D 274 12.27 -21.05 -29.34
N ALA D 275 11.53 -22.15 -29.45
CA ALA D 275 10.07 -22.07 -29.51
C ALA D 275 9.41 -22.07 -28.14
N ASN D 276 10.13 -22.38 -27.07
CA ASN D 276 9.51 -22.36 -25.74
C ASN D 276 8.93 -21.00 -25.34
N PRO D 277 9.64 -19.87 -25.47
CA PRO D 277 9.05 -18.60 -24.99
C PRO D 277 7.75 -18.18 -25.65
N ILE D 278 7.55 -18.44 -26.94
CA ILE D 278 6.27 -18.09 -27.55
C ILE D 278 5.15 -18.93 -26.96
N ILE D 279 5.45 -20.20 -26.64
CA ILE D 279 4.43 -21.08 -26.10
C ILE D 279 4.05 -20.65 -24.68
N TYR D 280 5.02 -20.18 -23.90
CA TYR D 280 4.72 -19.95 -22.49
C TYR D 280 4.42 -18.50 -22.12
N PHE D 281 4.89 -17.51 -22.88
CA PHE D 281 4.73 -16.13 -22.43
C PHE D 281 3.95 -15.26 -23.40
N PHE D 282 4.33 -15.24 -24.68
CA PHE D 282 3.71 -14.31 -25.62
C PHE D 282 2.24 -14.63 -25.86
N VAL D 283 1.92 -15.90 -26.01
CA VAL D 283 0.52 -16.28 -26.16
C VAL D 283 -0.25 -15.95 -24.91
N GLY D 284 0.44 -15.94 -23.76
CA GLY D 284 -0.20 -15.50 -22.53
C GLY D 284 -0.62 -14.04 -22.59
N SER D 285 0.22 -13.18 -23.16
CA SER D 285 -0.08 -11.77 -23.32
C SER D 285 -0.65 -11.50 -24.72
N PHE D 286 -1.80 -12.13 -24.99
CA PHE D 286 -2.51 -11.99 -26.25
C PHE D 286 -1.61 -12.32 -27.44
N VAL E 2 3.70 7.02 35.73
CA VAL E 2 4.79 6.14 35.34
C VAL E 2 5.65 5.86 36.56
N GLN E 3 6.21 4.66 36.64
CA GLN E 3 7.05 4.30 37.77
C GLN E 3 8.14 3.33 37.34
N LEU E 4 9.24 3.32 38.08
CA LEU E 4 10.33 2.37 37.91
C LEU E 4 10.95 2.16 39.28
N VAL E 5 10.90 0.92 39.78
CA VAL E 5 11.33 0.62 41.15
C VAL E 5 12.39 -0.47 41.11
N GLU E 6 13.44 -0.29 41.91
CA GLU E 6 14.66 -1.06 41.79
C GLU E 6 14.98 -1.75 43.12
N SER E 7 15.62 -2.91 43.03
CA SER E 7 15.85 -3.75 44.19
C SER E 7 17.15 -4.53 44.03
N GLY E 8 17.61 -5.10 45.14
CA GLY E 8 18.91 -5.75 45.20
C GLY E 8 19.75 -5.16 46.31
N GLY E 9 20.99 -4.80 46.01
CA GLY E 9 21.78 -3.98 46.90
C GLY E 9 22.28 -4.73 48.13
N GLY E 10 23.09 -4.02 48.90
CA GLY E 10 23.67 -4.53 50.13
C GLY E 10 25.16 -4.82 50.01
N LEU E 11 25.74 -5.19 51.13
CA LEU E 11 27.17 -5.51 51.17
C LEU E 11 27.45 -6.77 50.36
N VAL E 12 28.60 -6.78 49.70
CA VAL E 12 29.06 -7.88 48.87
C VAL E 12 30.56 -8.00 49.06
N GLN E 13 31.04 -9.20 49.33
CA GLN E 13 32.47 -9.40 49.43
C GLN E 13 33.11 -9.29 48.05
N PRO E 14 34.38 -8.88 47.98
CA PRO E 14 35.05 -8.81 46.68
C PRO E 14 35.10 -10.17 46.00
N GLY E 15 34.95 -10.17 44.68
CA GLY E 15 34.95 -11.39 43.92
C GLY E 15 33.65 -12.14 43.91
N GLY E 16 32.61 -11.62 44.54
CA GLY E 16 31.32 -12.31 44.61
C GLY E 16 30.48 -12.11 43.37
N SER E 17 29.17 -12.10 43.55
CA SER E 17 28.25 -11.86 42.45
C SER E 17 26.95 -11.32 43.01
N ARG E 18 26.21 -10.62 42.15
CA ARG E 18 24.93 -10.04 42.52
C ARG E 18 24.10 -9.82 41.27
N LYS E 19 22.79 -9.70 41.47
CA LYS E 19 21.86 -9.44 40.38
C LYS E 19 20.92 -8.31 40.77
N LEU E 20 20.87 -7.27 39.94
CA LEU E 20 20.02 -6.12 40.14
C LEU E 20 18.78 -6.25 39.26
N SER E 21 17.61 -5.94 39.80
CA SER E 21 16.36 -6.06 39.07
C SER E 21 15.57 -4.77 39.14
N CYS E 22 14.85 -4.47 38.05
CA CYS E 22 14.06 -3.25 37.93
C CYS E 22 12.70 -3.57 37.32
N SER E 23 11.63 -3.15 38.00
CA SER E 23 10.27 -3.51 37.63
C SER E 23 9.49 -2.26 37.23
N ALA E 24 8.78 -2.35 36.12
CA ALA E 24 8.11 -1.20 35.53
C ALA E 24 6.60 -1.33 35.64
N SER E 25 5.93 -0.18 35.69
CA SER E 25 4.47 -0.16 35.76
C SER E 25 3.98 1.21 35.33
N GLY E 26 3.22 1.27 34.25
CA GLY E 26 2.57 2.51 33.91
C GLY E 26 2.67 2.90 32.45
N PHE E 27 3.49 2.19 31.67
CA PHE E 27 3.70 2.57 30.29
C PHE E 27 3.93 1.32 29.46
N ALA E 28 4.03 1.51 28.15
CA ALA E 28 4.24 0.42 27.19
C ALA E 28 5.72 0.05 27.18
N PHE E 29 6.06 -0.95 27.99
CA PHE E 29 7.45 -1.30 28.24
C PHE E 29 8.14 -1.90 27.02
N SER E 30 7.41 -2.64 26.20
CA SER E 30 8.00 -3.41 25.12
C SER E 30 8.51 -2.55 23.97
N SER E 31 8.21 -1.26 23.96
CA SER E 31 8.62 -0.38 22.88
C SER E 31 9.64 0.65 23.32
N PHE E 32 10.26 0.44 24.49
CA PHE E 32 11.27 1.34 25.02
C PHE E 32 12.58 0.59 25.14
N GLY E 33 13.69 1.30 24.94
CA GLY E 33 15.02 0.76 25.15
C GLY E 33 15.61 1.31 26.43
N MET E 34 16.31 0.46 27.18
CA MET E 34 16.58 0.73 28.58
C MET E 34 18.08 0.74 28.85
N HIS E 35 18.54 1.68 29.67
CA HIS E 35 19.94 1.88 30.02
C HIS E 35 20.18 1.58 31.49
N TRP E 36 21.45 1.58 31.89
CA TRP E 36 21.87 1.56 33.29
C TRP E 36 22.94 2.62 33.48
N VAL E 37 22.77 3.50 34.46
CA VAL E 37 23.69 4.59 34.74
C VAL E 37 23.97 4.64 36.23
N ARG E 38 25.24 4.79 36.61
CA ARG E 38 25.64 4.73 38.00
C ARG E 38 26.36 5.99 38.46
N GLN E 39 26.34 6.22 39.77
CA GLN E 39 26.95 7.39 40.39
C GLN E 39 27.77 6.99 41.59
N ALA E 40 29.02 7.46 41.63
CA ALA E 40 29.94 7.14 42.71
C ALA E 40 29.50 7.84 43.99
N PRO E 41 30.15 7.54 45.12
CA PRO E 41 29.74 8.18 46.38
C PRO E 41 29.77 9.71 46.37
N GLU E 42 30.69 10.32 45.60
CA GLU E 42 30.71 11.77 45.49
C GLU E 42 31.00 12.27 44.09
N LYS E 43 31.22 11.40 43.11
CA LYS E 43 31.63 11.81 41.78
C LYS E 43 30.41 12.00 40.88
N GLY E 44 30.63 12.11 39.58
CA GLY E 44 29.59 12.37 38.62
C GLY E 44 28.88 11.13 38.16
N LEU E 45 28.35 11.17 36.95
CA LEU E 45 27.57 10.07 36.41
C LEU E 45 28.33 9.38 35.29
N GLU E 46 28.30 8.06 35.28
CA GLU E 46 28.98 7.21 34.32
C GLU E 46 27.98 6.20 33.76
N TRP E 47 28.12 5.87 32.49
CA TRP E 47 27.24 4.94 31.78
C TRP E 47 27.73 3.50 31.87
N VAL E 48 26.80 2.54 31.83
CA VAL E 48 27.15 1.12 31.99
C VAL E 48 26.74 0.26 30.80
N ALA E 49 25.44 0.18 30.47
CA ALA E 49 25.02 -0.75 29.43
C ALA E 49 23.75 -0.25 28.73
N TYR E 50 23.28 -1.05 27.77
CA TYR E 50 22.15 -0.70 26.89
C TYR E 50 21.57 -1.98 26.28
N ILE E 51 20.24 -2.06 26.27
CA ILE E 51 19.48 -3.16 25.65
C ILE E 51 18.39 -2.54 24.78
N SER E 52 18.15 -3.10 23.62
CA SER E 52 17.28 -2.48 22.64
C SER E 52 15.89 -3.10 22.65
N SER E 53 14.94 -2.37 22.07
CA SER E 53 13.59 -2.88 21.90
C SER E 53 13.61 -4.03 20.92
N GLY E 54 13.15 -5.20 21.37
CA GLY E 54 13.34 -6.41 20.62
C GLY E 54 14.63 -7.14 20.93
N SER E 55 15.47 -6.59 21.80
CA SER E 55 16.68 -7.27 22.29
C SER E 55 17.64 -7.59 21.16
N GLY E 56 17.78 -6.67 20.22
CA GLY E 56 18.64 -6.90 19.07
C GLY E 56 19.97 -6.18 19.10
N THR E 57 20.20 -5.33 20.08
CA THR E 57 21.48 -4.64 20.24
C THR E 57 21.82 -4.52 21.71
N ILE E 58 23.09 -4.72 22.03
CA ILE E 58 23.62 -4.56 23.38
C ILE E 58 24.97 -3.87 23.30
N TYR E 59 25.23 -2.93 24.21
CA TYR E 59 26.51 -2.24 24.29
C TYR E 59 26.97 -2.19 25.74
N TYR E 60 28.28 -2.20 25.95
CA TYR E 60 28.85 -2.14 27.28
C TYR E 60 29.97 -1.12 27.33
N ALA E 61 30.12 -0.48 28.48
CA ALA E 61 31.29 0.36 28.69
C ALA E 61 32.52 -0.52 28.83
N ASP E 62 33.67 0.02 28.45
CA ASP E 62 34.88 -0.79 28.42
C ASP E 62 35.36 -1.18 29.81
N THR E 63 34.85 -0.56 30.85
CA THR E 63 35.27 -0.84 32.21
C THR E 63 34.56 -2.03 32.82
N VAL E 64 33.47 -2.50 32.21
CA VAL E 64 32.69 -3.60 32.77
C VAL E 64 32.44 -4.71 31.76
N LYS E 65 33.11 -4.67 30.61
CA LYS E 65 32.92 -5.71 29.61
C LYS E 65 33.48 -7.03 30.12
N GLY E 66 32.75 -8.12 29.85
CA GLY E 66 33.19 -9.43 30.27
C GLY E 66 32.87 -9.80 31.70
N ARG E 67 32.39 -8.86 32.51
CA ARG E 67 31.95 -9.15 33.87
C ARG E 67 30.46 -8.93 34.09
N PHE E 68 29.84 -8.02 33.35
CA PHE E 68 28.44 -7.71 33.51
C PHE E 68 27.67 -8.11 32.26
N THR E 69 26.42 -8.54 32.43
CA THR E 69 25.56 -8.88 31.30
C THR E 69 24.14 -8.33 31.52
N ILE E 70 23.49 -7.91 30.43
CA ILE E 70 22.18 -7.26 30.46
C ILE E 70 21.14 -8.17 29.82
N SER E 71 19.90 -8.09 30.31
CA SER E 71 18.81 -8.92 29.83
C SER E 71 17.49 -8.28 30.19
N ARG E 72 16.41 -8.75 29.54
CA ARG E 72 15.08 -8.25 29.82
C ARG E 72 14.05 -9.37 29.63
N ASP E 73 12.95 -9.26 30.36
CA ASP E 73 11.85 -10.23 30.33
C ASP E 73 10.54 -9.49 30.11
N ASP E 74 10.12 -9.38 28.85
CA ASP E 74 9.02 -8.48 28.50
C ASP E 74 7.69 -8.85 29.15
N PRO E 75 7.24 -10.11 29.13
CA PRO E 75 5.89 -10.39 29.70
C PRO E 75 5.74 -10.02 31.16
N LYS E 76 6.76 -10.17 31.98
CA LYS E 76 6.66 -9.81 33.39
C LYS E 76 7.18 -8.40 33.69
N ASN E 77 7.67 -7.69 32.67
CA ASN E 77 8.10 -6.30 32.80
C ASN E 77 9.22 -6.14 33.83
N THR E 78 10.39 -6.69 33.50
CA THR E 78 11.54 -6.60 34.39
C THR E 78 12.81 -6.42 33.58
N LEU E 79 13.80 -5.76 34.19
CA LEU E 79 15.13 -5.57 33.61
C LEU E 79 16.17 -6.08 34.61
N PHE E 80 17.22 -6.74 34.12
CA PHE E 80 18.21 -7.37 34.98
C PHE E 80 19.61 -6.89 34.64
N LEU E 81 20.51 -6.99 35.61
CA LEU E 81 21.94 -6.79 35.42
C LEU E 81 22.67 -7.76 36.34
N GLN E 82 23.60 -8.54 35.80
CA GLN E 82 24.25 -9.63 36.50
C GLN E 82 25.71 -9.29 36.75
N MET E 83 26.11 -9.29 38.01
CA MET E 83 27.48 -9.01 38.40
C MET E 83 28.33 -10.28 38.30
N THR E 84 29.63 -10.10 38.16
CA THR E 84 30.60 -11.18 38.18
C THR E 84 31.97 -10.58 38.42
N SER E 85 32.69 -11.10 39.41
CA SER E 85 34.02 -10.63 39.75
C SER E 85 34.00 -9.17 40.18
N LEU E 86 33.31 -8.91 41.29
CA LEU E 86 33.14 -7.54 41.74
C LEU E 86 34.43 -6.97 42.28
N ARG E 87 34.61 -5.68 42.08
CA ARG E 87 35.81 -4.96 42.48
C ARG E 87 35.43 -3.88 43.51
N SER E 88 36.40 -3.04 43.85
CA SER E 88 36.18 -1.97 44.80
C SER E 88 35.83 -0.65 44.14
N GLU E 89 35.93 -0.56 42.82
CA GLU E 89 35.51 0.62 42.09
C GLU E 89 34.05 0.56 41.67
N ASP E 90 33.34 -0.48 42.08
CA ASP E 90 31.93 -0.68 41.76
C ASP E 90 30.99 -0.20 42.85
N THR E 91 31.52 0.43 43.90
CA THR E 91 30.67 1.02 44.92
C THR E 91 30.00 2.25 44.33
N ALA E 92 28.69 2.18 44.13
CA ALA E 92 27.97 3.27 43.48
C ALA E 92 26.49 3.10 43.78
N MET E 93 25.67 3.99 43.24
CA MET E 93 24.23 3.83 43.25
C MET E 93 23.71 3.82 41.83
N TYR E 94 22.92 2.81 41.50
CA TYR E 94 22.58 2.48 40.12
C TYR E 94 21.18 2.95 39.76
N TYR E 95 21.01 3.36 38.50
CA TYR E 95 19.77 3.92 38.00
C TYR E 95 19.30 3.16 36.77
N CYS E 96 18.01 3.24 36.50
CA CYS E 96 17.40 2.66 35.31
C CYS E 96 16.72 3.77 34.52
N VAL E 97 16.94 3.81 33.21
CA VAL E 97 16.51 4.92 32.36
C VAL E 97 15.86 4.38 31.09
N ARG E 98 14.77 5.02 30.68
CA ARG E 98 14.02 4.63 29.50
C ARG E 98 14.29 5.60 28.35
N SER E 99 14.25 5.09 27.12
CA SER E 99 14.52 5.90 25.94
C SER E 99 13.87 5.29 24.72
N ILE E 100 13.28 6.16 23.89
CA ILE E 100 12.52 5.78 22.70
C ILE E 100 13.03 6.59 21.52
N TYR E 101 13.24 5.92 20.38
CA TYR E 101 13.92 6.53 19.25
C TYR E 101 13.04 6.49 18.01
N TYR E 102 12.60 7.66 17.55
CA TYR E 102 11.95 7.87 16.26
C TYR E 102 12.05 9.36 15.98
N TYR E 103 11.56 9.78 14.82
CA TYR E 103 11.71 11.18 14.42
C TYR E 103 10.90 12.09 15.34
N GLY E 104 11.57 13.07 15.95
CA GLY E 104 10.94 13.99 16.86
C GLY E 104 10.78 13.51 18.28
N SER E 105 11.44 12.42 18.66
CA SER E 105 11.30 11.86 19.99
C SER E 105 12.16 12.60 20.99
N SER E 106 11.97 12.26 22.27
CA SER E 106 12.68 12.87 23.39
C SER E 106 13.28 11.79 24.27
N PRO E 107 14.44 11.26 23.92
CA PRO E 107 15.05 10.21 24.73
C PRO E 107 15.51 10.69 26.10
N PHE E 108 15.64 9.73 27.01
CA PHE E 108 16.08 9.92 28.41
C PHE E 108 15.03 10.68 29.22
N ASP E 109 13.77 10.27 29.10
CA ASP E 109 12.68 10.98 29.74
C ASP E 109 12.63 10.71 31.24
N PHE E 110 12.44 9.46 31.62
CA PHE E 110 12.16 9.09 33.00
C PHE E 110 13.34 8.38 33.63
N TRP E 111 13.70 8.79 34.83
CA TRP E 111 14.76 8.17 35.62
C TRP E 111 14.15 7.65 36.91
N GLY E 112 14.32 6.37 37.18
CA GLY E 112 13.87 5.82 38.44
C GLY E 112 14.75 6.26 39.59
N GLN E 113 14.33 5.88 40.79
CA GLN E 113 15.19 6.04 41.96
C GLN E 113 16.28 4.96 41.87
N GLY E 114 17.09 4.80 42.91
CA GLY E 114 18.27 3.98 42.82
C GLY E 114 18.42 2.99 43.95
N THR E 115 19.33 2.04 43.75
CA THR E 115 19.78 1.09 44.75
C THR E 115 21.27 1.23 44.98
N THR E 116 21.69 1.08 46.22
CA THR E 116 23.08 1.24 46.61
C THR E 116 23.78 -0.10 46.70
N LEU E 117 25.07 -0.13 46.35
CA LEU E 117 25.87 -1.34 46.38
C LEU E 117 27.29 -0.98 46.81
N THR E 118 27.72 -1.49 47.95
CA THR E 118 29.06 -1.26 48.45
C THR E 118 29.81 -2.58 48.55
N VAL E 119 31.02 -2.61 48.01
CA VAL E 119 31.88 -3.79 48.05
C VAL E 119 33.04 -3.49 48.99
N SER E 120 33.23 -4.34 49.99
CA SER E 120 34.21 -4.09 51.03
C SER E 120 35.64 -4.16 50.51
N SER E 136 38.81 7.18 19.87
CA SER E 136 38.78 7.03 21.33
C SER E 136 37.42 7.43 21.88
N ASP E 137 37.40 8.43 22.75
CA ASP E 137 36.16 8.91 23.36
C ASP E 137 36.12 10.44 23.30
N ILE E 138 34.91 10.98 23.29
CA ILE E 138 34.70 12.42 23.25
C ILE E 138 34.71 12.93 24.68
N VAL E 139 35.78 13.57 25.07
CA VAL E 139 35.89 14.19 26.39
C VAL E 139 35.29 15.58 26.31
N MET E 140 34.47 15.92 27.28
CA MET E 140 33.80 17.20 27.24
C MET E 140 33.63 17.72 28.66
N THR E 141 34.01 18.98 28.86
CA THR E 141 34.41 19.51 30.16
C THR E 141 33.55 20.67 30.59
N GLN E 142 33.36 20.79 31.90
CA GLN E 142 32.64 21.91 32.52
C GLN E 142 33.61 22.63 33.44
N ALA E 143 34.21 23.71 32.93
CA ALA E 143 35.25 24.40 33.69
C ALA E 143 34.70 24.96 35.00
N THR E 144 33.55 25.61 34.94
CA THR E 144 32.97 26.16 36.15
C THR E 144 32.56 25.05 37.09
N SER E 145 32.87 25.21 38.37
CA SER E 145 32.55 24.20 39.37
C SER E 145 31.71 24.72 40.52
N SER E 146 31.61 26.03 40.74
CA SER E 146 30.73 26.56 41.76
C SER E 146 30.37 28.00 41.42
N VAL E 147 29.08 28.33 41.51
CA VAL E 147 28.59 29.66 41.23
C VAL E 147 27.59 30.07 42.30
N PRO E 148 27.76 31.22 42.97
CA PRO E 148 26.76 31.67 43.94
C PRO E 148 25.74 32.60 43.30
N VAL E 149 24.45 32.35 43.53
CA VAL E 149 23.39 33.10 42.87
C VAL E 149 22.34 33.50 43.88
N THR E 150 21.57 34.53 43.52
CA THR E 150 20.49 35.09 44.33
C THR E 150 19.22 35.11 43.50
N PRO E 151 18.06 34.92 44.13
CA PRO E 151 16.81 34.86 43.38
C PRO E 151 16.53 36.15 42.61
N GLY E 152 15.94 35.98 41.43
CA GLY E 152 15.67 37.11 40.57
C GLY E 152 16.81 37.57 39.69
N GLU E 153 17.77 36.68 39.40
CA GLU E 153 18.89 37.02 38.54
C GLU E 153 18.86 36.16 37.27
N SER E 154 19.93 36.25 36.49
CA SER E 154 20.10 35.44 35.29
C SER E 154 21.53 34.90 35.27
N VAL E 155 21.68 33.61 34.99
CA VAL E 155 22.95 32.92 35.10
C VAL E 155 23.18 32.04 33.87
N SER E 156 24.45 31.83 33.54
CA SER E 156 24.83 31.06 32.35
C SER E 156 25.86 30.00 32.72
N ILE E 157 25.72 28.82 32.10
CA ILE E 157 26.57 27.66 32.37
C ILE E 157 27.09 27.13 31.05
N SER E 158 28.37 26.75 31.02
CA SER E 158 29.01 26.35 29.78
C SER E 158 29.73 25.01 29.90
N CYS E 159 29.61 24.19 28.86
CA CYS E 159 30.51 23.07 28.66
C CYS E 159 30.85 22.97 27.18
N ARG E 160 32.10 22.59 26.90
CA ARG E 160 32.60 22.46 25.54
C ARG E 160 33.18 21.07 25.32
N SER E 161 33.18 20.63 24.07
CA SER E 161 33.48 19.27 23.71
C SER E 161 34.87 19.16 23.08
N SER E 162 35.27 17.94 22.76
CA SER E 162 36.54 17.69 22.09
C SER E 162 36.41 17.67 20.58
N LYS E 163 35.33 17.10 20.04
CA LYS E 163 35.07 17.11 18.62
C LYS E 163 33.64 17.61 18.39
N SER E 164 33.36 18.00 17.15
CA SER E 164 32.11 18.67 16.83
C SER E 164 30.93 17.70 16.90
N LEU E 165 29.81 18.21 17.40
CA LEU E 165 28.59 17.44 17.63
C LEU E 165 27.51 17.74 16.60
N LEU E 166 27.87 18.27 15.45
CA LEU E 166 26.92 18.65 14.41
C LEU E 166 27.05 17.67 13.26
N HIS E 167 26.14 16.71 13.21
CA HIS E 167 26.10 15.73 12.14
C HIS E 167 25.72 16.40 10.83
N SER E 168 25.81 15.63 9.75
CA SER E 168 25.48 16.16 8.43
C SER E 168 24.00 16.49 8.32
N ASN E 169 23.13 15.68 8.93
CA ASN E 169 21.71 15.86 8.78
C ASN E 169 21.17 17.12 9.45
N GLY E 170 21.98 17.80 10.25
CA GLY E 170 21.59 19.07 10.81
C GLY E 170 21.27 19.08 12.29
N ASN E 171 21.54 18.01 13.01
CA ASN E 171 21.20 17.90 14.42
C ASN E 171 22.45 18.00 15.26
N THR E 172 22.36 18.74 16.36
CA THR E 172 23.43 18.84 17.33
C THR E 172 23.02 18.04 18.56
N TYR E 173 23.64 16.88 18.74
CA TYR E 173 23.23 15.95 19.78
C TYR E 173 23.86 16.38 21.11
N LEU E 174 23.08 17.10 21.92
CA LEU E 174 23.52 17.49 23.25
C LEU E 174 22.32 17.64 24.17
N TYR E 175 22.49 17.22 25.42
CA TYR E 175 21.43 17.04 26.38
C TYR E 175 21.81 17.70 27.70
N TRP E 176 20.82 18.17 28.47
CA TRP E 176 21.06 18.83 29.75
C TRP E 176 20.18 18.21 30.83
N PHE E 177 20.77 17.89 31.98
CA PHE E 177 20.08 17.26 33.09
C PHE E 177 20.30 18.06 34.38
N LEU E 178 19.37 17.88 35.32
CA LEU E 178 19.38 18.58 36.60
C LEU E 178 19.14 17.59 37.72
N GLN E 179 19.93 17.69 38.80
CA GLN E 179 19.82 16.78 39.93
C GLN E 179 19.69 17.58 41.22
N ARG E 180 18.49 17.56 41.80
CA ARG E 180 18.23 18.28 43.03
C ARG E 180 18.71 17.46 44.23
N PRO E 181 18.95 18.11 45.36
CA PRO E 181 19.52 17.40 46.51
C PRO E 181 18.63 16.27 46.99
N GLY E 182 19.22 15.08 47.07
CA GLY E 182 18.51 13.89 47.51
C GLY E 182 17.41 13.42 46.58
N GLN E 183 17.66 13.39 45.28
CA GLN E 183 16.65 13.01 44.31
C GLN E 183 17.33 12.33 43.13
N SER E 184 16.58 12.11 42.07
CA SER E 184 17.03 11.51 40.83
C SER E 184 16.95 12.53 39.70
N PRO E 185 17.89 12.50 38.76
CA PRO E 185 17.97 13.56 37.77
C PRO E 185 16.80 13.58 36.80
N GLN E 186 16.59 14.76 36.22
CA GLN E 186 15.51 14.99 35.28
C GLN E 186 16.02 15.74 34.05
N LEU E 187 15.28 15.64 32.97
CA LEU E 187 15.68 16.14 31.66
C LEU E 187 15.12 17.54 31.44
N LEU E 188 15.96 18.42 30.89
CA LEU E 188 15.55 19.80 30.58
C LEU E 188 15.60 20.11 29.09
N ILE E 189 16.74 19.94 28.42
CA ILE E 189 16.91 20.31 27.02
C ILE E 189 17.45 19.11 26.27
N TYR E 190 16.83 18.78 25.14
CA TYR E 190 17.33 17.71 24.29
C TYR E 190 17.66 18.23 22.90
N ARG E 191 18.83 17.83 22.41
CA ARG E 191 19.38 18.27 21.12
C ARG E 191 19.60 19.78 21.08
N MET E 192 20.06 20.34 22.20
CA MET E 192 20.68 21.66 22.30
C MET E 192 19.71 22.83 22.21
N SER E 193 18.46 22.57 21.84
CA SER E 193 17.52 23.68 21.64
C SER E 193 16.12 23.39 22.14
N ASN E 194 15.70 22.15 22.24
CA ASN E 194 14.31 21.81 22.50
C ASN E 194 14.06 21.67 23.99
N LEU E 195 12.84 21.94 24.39
CA LEU E 195 12.48 22.04 25.80
C LEU E 195 11.54 20.92 26.18
N ALA E 196 11.87 20.21 27.25
CA ALA E 196 11.16 18.98 27.61
C ALA E 196 9.78 19.29 28.17
N SER E 197 8.96 18.25 28.26
CA SER E 197 7.60 18.39 28.75
C SER E 197 7.58 18.57 30.26
N GLY E 198 6.83 19.57 30.72
CA GLY E 198 6.74 19.87 32.13
C GLY E 198 7.75 20.87 32.64
N VAL E 199 8.66 21.34 31.79
CA VAL E 199 9.73 22.24 32.21
C VAL E 199 9.30 23.67 31.99
N PRO E 200 9.35 24.53 33.00
CA PRO E 200 8.95 25.93 32.82
C PRO E 200 9.78 26.64 31.76
N ASP E 201 9.16 27.59 31.09
CA ASP E 201 9.71 28.27 29.93
C ASP E 201 10.83 29.23 30.27
N ARG E 202 11.32 29.34 31.49
CA ARG E 202 12.44 30.24 31.76
C ARG E 202 13.80 29.62 31.43
N PHE E 203 13.87 28.32 31.21
CA PHE E 203 15.12 27.68 30.79
C PHE E 203 15.28 27.81 29.28
N SER E 204 16.51 27.94 28.84
CA SER E 204 16.80 28.01 27.42
C SER E 204 18.24 27.63 27.18
N GLY E 205 18.52 27.16 25.97
CA GLY E 205 19.86 26.76 25.62
C GLY E 205 20.20 26.96 24.16
N SER E 206 21.42 27.38 23.86
CA SER E 206 21.85 27.58 22.50
C SER E 206 23.36 27.44 22.44
N GLY E 207 23.88 27.28 21.23
CA GLY E 207 25.31 27.23 21.02
C GLY E 207 25.65 26.81 19.62
N SER E 208 26.94 26.82 19.34
CA SER E 208 27.49 26.35 18.08
C SER E 208 28.23 25.05 18.32
N GLY E 209 28.86 24.53 17.28
CA GLY E 209 29.72 23.37 17.47
C GLY E 209 30.85 23.68 18.43
N THR E 210 31.08 22.78 19.39
CA THR E 210 32.19 22.88 20.34
C THR E 210 32.02 24.08 21.28
N ALA E 211 30.78 24.47 21.57
CA ALA E 211 30.52 25.50 22.58
C ALA E 211 29.03 25.54 22.87
N PHE E 212 28.66 25.44 24.15
CA PHE E 212 27.26 25.31 24.52
C PHE E 212 26.98 26.04 25.81
N THR E 213 25.80 26.64 25.91
CA THR E 213 25.43 27.42 27.07
C THR E 213 23.96 27.21 27.41
N LEU E 214 23.64 27.35 28.70
CA LEU E 214 22.28 27.28 29.21
C LEU E 214 22.02 28.54 30.00
N THR E 215 20.89 29.20 29.73
CA THR E 215 20.53 30.45 30.37
C THR E 215 19.26 30.27 31.17
N ILE E 216 19.27 30.74 32.42
CA ILE E 216 18.12 30.72 33.31
C ILE E 216 17.75 32.16 33.61
N SER E 217 16.47 32.49 33.41
CA SER E 217 15.95 33.82 33.71
C SER E 217 14.95 33.73 34.85
N ARG E 218 15.00 34.71 35.75
CA ARG E 218 14.18 34.73 36.96
C ARG E 218 14.41 33.47 37.80
N LEU E 219 15.64 33.33 38.25
CA LEU E 219 16.03 32.17 39.03
C LEU E 219 15.28 32.15 40.36
N GLU E 220 14.93 30.96 40.81
CA GLU E 220 14.13 30.80 42.01
C GLU E 220 14.71 29.68 42.85
N ALA E 221 14.33 29.67 44.12
CA ALA E 221 14.55 28.48 44.91
C ALA E 221 13.72 27.35 44.30
N GLU E 222 14.07 26.12 44.66
CA GLU E 222 13.65 24.94 43.91
C GLU E 222 14.20 24.98 42.49
N ASP E 223 15.33 25.64 42.31
CA ASP E 223 16.09 25.60 41.06
C ASP E 223 17.58 25.59 41.35
N VAL E 224 17.98 24.92 42.41
CA VAL E 224 19.39 24.81 42.80
C VAL E 224 19.78 23.34 42.80
N GLY E 225 21.04 23.08 42.56
CA GLY E 225 21.53 21.72 42.44
C GLY E 225 22.70 21.67 41.49
N VAL E 226 22.88 20.51 40.87
CA VAL E 226 24.01 20.22 40.00
C VAL E 226 23.52 19.99 38.59
N TYR E 227 24.23 20.51 37.60
CA TYR E 227 23.85 20.44 36.20
C TYR E 227 24.87 19.63 35.41
N TYR E 228 24.38 18.73 34.55
CA TYR E 228 25.23 17.85 33.76
C TYR E 228 24.91 17.98 32.29
N CYS E 229 25.91 17.79 31.44
CA CYS E 229 25.73 17.75 29.99
C CYS E 229 26.26 16.45 29.43
N MET E 230 25.56 15.90 28.43
CA MET E 230 25.87 14.60 27.88
C MET E 230 25.93 14.71 26.35
N GLN E 231 26.66 13.80 25.72
CA GLN E 231 26.67 13.68 24.27
C GLN E 231 26.03 12.36 23.86
N HIS E 232 25.35 12.37 22.71
CA HIS E 232 24.70 11.19 22.19
C HIS E 232 25.00 11.02 20.72
N LEU E 233 26.23 11.30 20.32
CA LEU E 233 26.64 11.16 18.93
C LEU E 233 27.22 9.78 18.63
N GLU E 234 27.94 9.19 19.57
CA GLU E 234 28.53 7.89 19.36
C GLU E 234 28.80 7.24 20.72
N TYR E 235 28.69 5.92 20.76
CA TYR E 235 28.94 5.19 21.98
C TYR E 235 30.44 5.10 22.26
N PRO E 236 30.86 5.16 23.53
CA PRO E 236 30.12 5.26 24.78
C PRO E 236 29.51 6.64 25.03
N LEU E 237 28.49 6.71 25.87
CA LEU E 237 27.94 8.00 26.26
C LEU E 237 28.82 8.61 27.34
N THR E 238 29.10 9.90 27.22
CA THR E 238 30.06 10.58 28.08
C THR E 238 29.42 11.79 28.74
N PHE E 239 29.59 11.90 30.05
CA PHE E 239 29.01 12.97 30.84
C PHE E 239 30.07 14.02 31.17
N GLY E 240 29.63 15.14 31.68
CA GLY E 240 30.50 16.16 32.22
C GLY E 240 30.86 15.86 33.65
N ALA E 241 31.30 16.89 34.35
CA ALA E 241 31.70 16.75 35.75
C ALA E 241 30.72 17.34 36.74
N GLY E 242 30.11 18.47 36.42
CA GLY E 242 29.10 19.03 37.29
C GLY E 242 29.34 20.46 37.76
N THR E 243 28.45 21.36 37.39
CA THR E 243 28.41 22.72 37.91
C THR E 243 27.27 22.80 38.91
N LYS E 244 27.53 23.36 40.08
CA LYS E 244 26.52 23.44 41.12
C LYS E 244 26.23 24.88 41.48
N LEU E 245 24.95 25.15 41.76
CA LEU E 245 24.48 26.47 42.13
C LEU E 245 24.17 26.46 43.62
N GLU E 246 24.67 27.47 44.33
CA GLU E 246 24.44 27.61 45.76
C GLU E 246 23.70 28.91 46.04
N LEU E 247 22.93 28.93 47.11
CA LEU E 247 22.22 30.12 47.53
C LEU E 247 23.20 31.22 47.92
C10 8IU F . 36.58 -42.20 -22.35
C13 8IU F . 37.06 -44.32 -20.54
C17 8IU F . 33.64 -45.46 -26.44
C21 8IU F . 30.84 -41.42 -25.50
C22 8IU F . 29.84 -40.47 -24.79
C01 8IU F . 29.03 -37.96 -23.32
C03 8IU F . 30.76 -39.55 -23.96
C04 8IU F . 31.68 -40.38 -23.53
C06 8IU F . 32.83 -42.60 -24.63
C07 8IU F . 33.78 -42.52 -23.64
C08 8IU F . 34.75 -43.46 -23.55
C09 8IU F . 35.82 -43.36 -22.45
C11 8IU F . 37.57 -42.08 -21.35
C12 8IU F . 37.81 -43.15 -20.45
C14 8IU F . 36.06 -44.45 -21.54
C16 8IU F . 33.82 -44.54 -25.41
C18 8IU F . 32.50 -45.07 -27.18
C23 8IU F . 30.80 -38.33 -21.77
N02 8IU F . 29.92 -38.99 -22.79
N05 8IU F . 31.83 -41.58 -24.65
N15 8IU F . 34.78 -44.47 -24.42
N19 8IU F . 32.05 -43.97 -26.62
N20 8IU F . 32.89 -43.64 -25.50
#